data_3MX3
#
_entry.id   3MX3
#
_cell.length_a   153.350
_cell.length_b   87.876
_cell.length_c   78.253
_cell.angle_alpha   90.000
_cell.angle_beta   116.660
_cell.angle_gamma   90.000
#
_symmetry.space_group_name_H-M   'C 1 2 1'
#
loop_
_entity.id
_entity.type
_entity.pdbx_description
1 polymer 'SusD homolog'
2 non-polymer 'MAGNESIUM ION'
3 non-polymer '4-(2-HYDROXYETHYL)-1-PIPERAZINE ETHANESULFONIC ACID'
4 non-polymer 'CHLORIDE ION'
5 water water
#
_entity_poly.entity_id   1
_entity_poly.type   'polypeptide(L)'
_entity_poly.pdbx_seq_one_letter_code
;GASCDKFDEINTDPDATTKVTSSLLATGLLLDITSSSASKSFIYDELLAKQ(MSE)AWGES(MSE)EDYQYNVFGRSGFG
GYTTLINAQK(MSE)VESVSDDNVNAYDGLAHFIKAYKIFY(MSE)S(MSE)E(MSE)GDLPYEEALQGELGLVRPKYNT
QKEV(MSE)NFILSDLETAYELFSTAKDFDGDPILGGSISKWKKATTAFQLKVL(MSE)HLSKKESDADLKVKERFARIV
ASGSL(MSE)ESNEDNLQ(MSE)KYADKANTVYPFHNTNTKHAGYA(MSE)LST(MSE)LIDKFKATGDIR(MSE)FYYA
KPAKAKLNEGVTADSWDAYIGTDPSLPFEQIEKAYATEQYSGFNARYTDYPSGEPVVRLGYAEQNFILAEAAVRGWISGD
ASAYYKKAIRAH(MSE)EFIASNTPDEEVYHHGHPITEEAIAAFLETPAIQLSGEKEEDIEKILTQRYLASF(MSE)QHP
YDVYYDYRRTGYPVLPINPATNRNT(MSE)NDRLP(MSE)RW(MSE)YPKSESDYNLEHQNEALERQFGGVDDVNKL
(MSE)WILQ
;
_entity_poly.pdbx_strand_id   A,B
#
# COMPACT_ATOMS: atom_id res chain seq x y z
N LYS A 19 29.71 -3.39 2.22
CA LYS A 19 28.36 -2.98 2.74
C LYS A 19 27.55 -2.16 1.70
N VAL A 20 27.67 -0.83 1.81
CA VAL A 20 26.80 0.12 1.12
C VAL A 20 27.67 1.27 0.55
N THR A 21 27.67 1.39 -0.76
CA THR A 21 28.47 2.36 -1.49
C THR A 21 27.48 3.11 -2.38
N SER A 22 27.92 4.25 -2.91
CA SER A 22 27.13 5.08 -3.81
C SER A 22 26.73 4.27 -5.04
N SER A 23 27.71 3.56 -5.58
CA SER A 23 27.51 2.67 -6.73
C SER A 23 26.40 1.65 -6.52
N LEU A 24 26.46 0.90 -5.43
CA LEU A 24 25.45 -0.12 -5.14
C LEU A 24 24.06 0.50 -4.98
N LEU A 25 23.98 1.64 -4.30
CA LEU A 25 22.68 2.30 -4.16
C LEU A 25 22.12 2.79 -5.49
N ALA A 26 23.00 3.28 -6.37
CA ALA A 26 22.64 3.73 -7.70
C ALA A 26 21.97 2.59 -8.47
N THR A 27 22.60 1.44 -8.43
CA THR A 27 22.01 0.25 -9.04
C THR A 27 20.62 -0.04 -8.52
N GLY A 28 20.49 -0.01 -7.19
CA GLY A 28 19.16 -0.23 -6.61
C GLY A 28 18.10 0.71 -7.15
N LEU A 29 18.41 1.99 -7.18
CA LEU A 29 17.43 3.00 -7.60
C LEU A 29 17.09 2.79 -9.08
N LEU A 30 18.12 2.51 -9.86
CA LEU A 30 17.93 2.40 -11.30
C LEU A 30 17.09 1.16 -11.63
N LEU A 31 17.32 0.05 -10.95
CA LEU A 31 16.50 -1.17 -11.19
C LEU A 31 15.02 -0.94 -10.86
N ASP A 32 14.81 -0.14 -9.83
CA ASP A 32 13.48 0.21 -9.39
C ASP A 32 12.64 0.91 -10.45
N ILE A 33 13.28 1.87 -11.12
CA ILE A 33 12.68 2.71 -12.15
C ILE A 33 12.48 1.98 -13.47
N THR A 34 13.26 0.93 -13.71
CA THR A 34 13.21 0.25 -15.01
C THR A 34 12.67 -1.22 -14.99
N SER A 35 12.54 -1.85 -13.82
CA SER A 35 12.08 -3.23 -13.77
C SER A 35 10.57 -3.36 -14.09
N SER A 36 10.18 -4.54 -14.56
CA SER A 36 8.77 -4.88 -14.78
C SER A 36 8.42 -6.17 -14.04
N SER A 37 7.16 -6.40 -13.73
CA SER A 37 6.79 -7.64 -13.09
C SER A 37 6.62 -8.75 -14.12
N ALA A 38 7.11 -9.96 -13.78
CA ALA A 38 6.94 -11.15 -14.64
C ALA A 38 5.58 -11.81 -14.37
N SER A 39 4.54 -11.01 -14.39
CA SER A 39 3.23 -11.41 -14.00
C SER A 39 2.19 -10.59 -14.75
N LYS A 40 0.94 -10.95 -14.55
CA LYS A 40 -0.22 -10.31 -15.16
CA LYS A 40 -0.08 -10.30 -15.35
C LYS A 40 -0.17 -8.79 -15.08
N SER A 41 0.32 -8.29 -13.94
CA SER A 41 0.38 -6.84 -13.73
C SER A 41 1.11 -6.05 -14.83
N PHE A 42 2.05 -6.68 -15.52
CA PHE A 42 2.75 -6.13 -16.71
C PHE A 42 1.78 -5.55 -17.75
N ILE A 43 0.63 -6.19 -17.88
CA ILE A 43 -0.33 -5.80 -18.91
C ILE A 43 -1.55 -5.04 -18.38
N TYR A 44 -1.58 -4.74 -17.07
CA TYR A 44 -2.64 -3.92 -16.49
C TYR A 44 -2.80 -2.57 -17.23
N ASP A 45 -1.69 -1.93 -17.56
CA ASP A 45 -1.76 -0.64 -18.26
C ASP A 45 -2.22 -0.77 -19.73
N GLU A 46 -1.87 -1.88 -20.39
CA GLU A 46 -2.39 -2.22 -21.71
C GLU A 46 -3.87 -2.47 -21.61
N LEU A 47 -4.33 -3.13 -20.53
CA LEU A 47 -5.78 -3.30 -20.34
C LEU A 47 -6.51 -1.97 -20.10
N LEU A 48 -5.93 -1.11 -19.27
CA LEU A 48 -6.54 0.19 -19.00
C LEU A 48 -6.67 1.00 -20.33
N ALA A 49 -5.57 1.03 -21.11
CA ALA A 49 -5.53 1.78 -22.39
C ALA A 49 -6.33 1.08 -23.53
N LYS A 50 -6.91 -0.08 -23.23
CA LYS A 50 -7.74 -0.83 -24.18
C LYS A 50 -6.96 -1.36 -25.41
N GLN A 51 -5.71 -1.75 -25.20
CA GLN A 51 -4.89 -2.24 -26.29
C GLN A 51 -5.00 -3.76 -26.39
N ALA A 53 -7.59 -7.25 -24.59
CA ALA A 53 -8.49 -7.87 -23.60
C ALA A 53 -7.76 -9.04 -22.96
N TRP A 54 -8.37 -9.62 -21.93
CA TRP A 54 -7.76 -10.71 -21.13
C TRP A 54 -8.78 -11.83 -20.98
N GLY A 55 -8.43 -13.01 -21.45
CA GLY A 55 -9.42 -14.07 -21.63
C GLY A 55 -9.60 -14.94 -20.40
N GLU A 56 -8.72 -14.78 -19.40
CA GLU A 56 -8.70 -15.66 -18.21
C GLU A 56 -9.87 -15.40 -17.29
N SER A 57 -10.21 -14.13 -17.14
CA SER A 57 -11.16 -13.68 -16.14
C SER A 57 -11.46 -12.21 -16.37
N GLU A 59 -11.19 -8.67 -15.65
CA GLU A 59 -10.16 -7.89 -14.96
C GLU A 59 -10.61 -6.46 -14.73
N ASP A 60 -10.35 -5.98 -13.52
CA ASP A 60 -10.63 -4.60 -13.13
C ASP A 60 -10.09 -3.55 -14.11
N TYR A 61 -8.84 -3.69 -14.56
CA TYR A 61 -8.28 -2.65 -15.38
C TYR A 61 -8.86 -2.69 -16.80
N GLN A 62 -9.41 -3.82 -17.21
CA GLN A 62 -10.13 -3.89 -18.49
C GLN A 62 -11.45 -3.15 -18.39
N TYR A 63 -12.21 -3.39 -17.31
CA TYR A 63 -13.55 -2.78 -17.14
C TYR A 63 -13.57 -1.55 -16.23
N ASN A 64 -12.38 -0.96 -16.01
CA ASN A 64 -12.25 0.41 -15.49
C ASN A 64 -12.56 0.64 -14.02
N VAL A 65 -12.12 -0.31 -13.18
CA VAL A 65 -12.29 -0.23 -11.74
C VAL A 65 -10.94 0.15 -11.12
N PHE A 66 -10.91 1.28 -10.45
CA PHE A 66 -9.71 1.81 -9.78
C PHE A 66 -9.95 1.75 -8.27
N GLY A 67 -8.86 1.61 -7.53
CA GLY A 67 -8.88 1.68 -6.09
C GLY A 67 -7.82 2.67 -5.68
N ARG A 68 -7.03 2.33 -4.65
CA ARG A 68 -5.97 3.19 -4.13
C ARG A 68 -4.64 2.85 -4.75
N SER A 69 -3.79 3.86 -4.92
CA SER A 69 -2.40 3.68 -5.25
C SER A 69 -1.55 3.78 -3.99
N GLY A 70 -0.24 3.93 -4.17
CA GLY A 70 0.70 3.71 -3.07
C GLY A 70 1.66 4.88 -2.91
N PHE A 71 2.28 4.99 -1.72
CA PHE A 71 3.33 6.00 -1.49
C PHE A 71 4.68 5.32 -1.41
N GLY A 72 4.80 4.13 -1.97
CA GLY A 72 6.09 3.41 -1.96
C GLY A 72 7.26 4.19 -2.51
N GLY A 73 6.99 5.01 -3.52
CA GLY A 73 7.99 5.85 -4.15
C GLY A 73 8.81 6.69 -3.20
N TYR A 74 8.22 7.15 -2.09
CA TYR A 74 8.97 8.03 -1.20
C TYR A 74 10.14 7.34 -0.48
N THR A 75 10.07 6.03 -0.32
CA THR A 75 11.12 5.27 0.33
C THR A 75 12.49 5.39 -0.41
N THR A 76 12.51 5.81 -1.68
CA THR A 76 13.77 5.96 -2.44
C THR A 76 14.56 7.21 -1.98
N LEU A 77 13.87 8.19 -1.36
CA LEU A 77 14.51 9.44 -0.95
C LEU A 77 15.63 9.23 0.03
N ILE A 78 15.43 8.37 1.02
CA ILE A 78 16.46 8.10 2.01
CA ILE A 78 16.45 8.12 2.02
C ILE A 78 17.67 7.43 1.36
N ASN A 79 17.41 6.48 0.48
CA ASN A 79 18.45 5.82 -0.26
C ASN A 79 19.26 6.77 -1.16
N ALA A 80 18.57 7.71 -1.82
CA ALA A 80 19.21 8.68 -2.72
C ALA A 80 20.11 9.62 -1.91
N GLN A 81 19.63 10.05 -0.76
CA GLN A 81 20.45 10.87 0.11
C GLN A 81 21.71 10.12 0.61
N LYS A 82 21.56 8.86 1.01
CA LYS A 82 22.72 8.05 1.44
C LYS A 82 23.74 7.92 0.33
N VAL A 84 24.36 10.04 -2.10
CA VAL A 84 25.12 11.26 -2.26
C VAL A 84 26.13 11.49 -1.10
N GLU A 85 25.67 11.29 0.14
CA GLU A 85 26.55 11.40 1.31
C GLU A 85 27.74 10.45 1.25
N SER A 86 27.56 9.30 0.61
CA SER A 86 28.56 8.24 0.54
C SER A 86 29.62 8.34 -0.52
N VAL A 87 29.55 9.38 -1.37
CA VAL A 87 30.44 9.52 -2.52
C VAL A 87 31.85 9.65 -2.01
N SER A 88 32.75 8.78 -2.44
CA SER A 88 34.07 8.76 -1.81
C SER A 88 35.15 9.46 -2.62
N ASP A 89 34.87 9.71 -3.91
CA ASP A 89 35.79 10.47 -4.80
C ASP A 89 35.35 11.95 -4.89
N ASP A 90 35.81 12.69 -5.90
CA ASP A 90 35.36 14.08 -6.08
C ASP A 90 34.14 14.24 -7.02
N ASN A 91 33.52 13.10 -7.40
CA ASN A 91 32.46 13.11 -8.40
C ASN A 91 31.03 13.16 -7.84
N VAL A 92 30.88 13.89 -6.74
CA VAL A 92 29.58 14.01 -6.06
C VAL A 92 28.44 14.52 -6.98
N ASN A 93 28.75 15.42 -7.91
CA ASN A 93 27.75 15.93 -8.83
C ASN A 93 27.04 14.88 -9.72
N ALA A 94 27.75 13.84 -10.11
CA ALA A 94 27.15 12.75 -10.89
C ALA A 94 26.02 12.11 -10.12
N TYR A 95 26.35 11.69 -8.91
CA TYR A 95 25.39 10.95 -8.11
C TYR A 95 24.31 11.89 -7.60
N ASP A 96 24.65 13.16 -7.37
CA ASP A 96 23.65 14.13 -6.90
C ASP A 96 22.69 14.38 -8.07
N GLY A 97 23.23 14.40 -9.29
CA GLY A 97 22.39 14.52 -10.46
C GLY A 97 21.41 13.38 -10.55
N LEU A 98 21.91 12.15 -10.39
CA LEU A 98 21.02 10.99 -10.38
C LEU A 98 19.95 11.12 -9.28
N ALA A 99 20.35 11.51 -8.06
CA ALA A 99 19.43 11.71 -6.91
C ALA A 99 18.24 12.61 -7.27
N HIS A 100 18.56 13.76 -7.87
CA HIS A 100 17.53 14.71 -8.27
C HIS A 100 16.66 14.19 -9.38
N PHE A 101 17.24 13.46 -10.33
CA PHE A 101 16.46 12.89 -11.41
C PHE A 101 15.45 11.87 -10.84
N ILE A 102 15.89 11.01 -9.91
CA ILE A 102 15.08 9.89 -9.40
C ILE A 102 13.94 10.46 -8.53
N LYS A 103 14.26 11.44 -7.72
CA LYS A 103 13.25 12.11 -6.90
C LYS A 103 12.12 12.67 -7.77
N ALA A 104 12.48 13.52 -8.73
CA ALA A 104 11.54 14.14 -9.65
C ALA A 104 10.68 13.09 -10.36
N TYR A 105 11.33 12.02 -10.79
CA TYR A 105 10.69 10.97 -11.58
C TYR A 105 9.67 10.23 -10.75
N LYS A 106 10.11 9.78 -9.57
CA LYS A 106 9.23 9.03 -8.67
C LYS A 106 8.07 9.88 -8.21
N ILE A 107 8.33 11.14 -7.82
CA ILE A 107 7.22 11.98 -7.33
C ILE A 107 6.28 12.43 -8.45
N PHE A 108 6.87 12.69 -9.61
CA PHE A 108 6.09 12.96 -10.79
C PHE A 108 5.05 11.87 -10.99
N TYR A 109 5.47 10.61 -11.01
CA TYR A 109 4.52 9.51 -11.29
C TYR A 109 3.48 9.33 -10.17
N SER A 111 2.25 11.79 -8.29
CA SER A 111 1.34 12.90 -8.43
C SER A 111 0.44 12.70 -9.65
N GLU A 113 -0.62 9.91 -10.50
CA GLU A 113 -1.62 8.89 -10.10
C GLU A 113 -2.74 9.50 -9.26
N GLY A 115 -2.56 13.15 -7.37
CA GLY A 115 -2.82 14.60 -7.24
C GLY A 115 -1.83 15.28 -6.34
N ASP A 116 -2.31 16.14 -5.45
CA ASP A 116 -1.44 16.76 -4.43
C ASP A 116 -0.76 15.66 -3.59
N LEU A 117 0.45 15.95 -3.14
CA LEU A 117 1.17 15.11 -2.20
C LEU A 117 2.39 15.86 -1.67
N PRO A 118 3.05 15.32 -0.66
CA PRO A 118 4.24 15.96 -0.10
C PRO A 118 5.40 16.08 -1.07
N TYR A 119 6.12 17.19 -0.99
CA TYR A 119 7.33 17.38 -1.73
C TYR A 119 8.39 17.99 -0.81
N GLU A 120 8.18 19.23 -0.41
CA GLU A 120 9.07 19.97 0.51
C GLU A 120 9.42 19.18 1.77
N GLU A 121 8.42 18.54 2.35
CA GLU A 121 8.62 17.84 3.63
C GLU A 121 8.73 16.33 3.48
N ALA A 122 8.84 15.83 2.25
CA ALA A 122 8.81 14.39 2.01
C ALA A 122 9.94 13.66 2.74
N LEU A 123 11.17 14.12 2.60
CA LEU A 123 12.28 13.40 3.26
C LEU A 123 12.08 13.41 4.81
N GLN A 124 11.74 14.56 5.34
CA GLN A 124 11.46 14.69 6.76
C GLN A 124 10.38 13.70 7.21
N GLY A 125 9.32 13.58 6.41
CA GLY A 125 8.26 12.62 6.68
C GLY A 125 8.78 11.20 6.68
N GLU A 126 9.61 10.85 5.71
CA GLU A 126 10.13 9.47 5.67
C GLU A 126 10.97 9.11 6.89
N LEU A 127 11.73 10.08 7.35
CA LEU A 127 12.59 9.92 8.50
C LEU A 127 11.80 9.94 9.82
N GLY A 128 10.49 10.22 9.75
CA GLY A 128 9.65 10.26 10.95
C GLY A 128 9.71 11.57 11.74
N LEU A 129 10.36 12.59 11.20
CA LEU A 129 10.51 13.89 11.87
C LEU A 129 9.23 14.76 11.84
N VAL A 130 8.36 14.54 10.86
CA VAL A 130 7.10 15.26 10.74
C VAL A 130 6.05 14.35 10.15
N ARG A 131 4.83 14.75 10.33
CA ARG A 131 3.73 14.35 9.45
C ARG A 131 3.72 15.35 8.29
N PRO A 132 4.01 14.91 7.06
CA PRO A 132 4.39 15.87 6.01
C PRO A 132 3.19 16.54 5.36
N LYS A 133 3.26 17.86 5.22
CA LYS A 133 2.21 18.58 4.52
C LYS A 133 2.22 18.20 3.04
N TYR A 134 1.01 18.24 2.43
CA TYR A 134 0.83 17.98 1.03
C TYR A 134 1.03 19.31 0.31
N ASN A 135 1.95 19.35 -0.66
CA ASN A 135 2.02 20.49 -1.59
C ASN A 135 0.85 20.39 -2.58
N THR A 136 0.40 21.54 -3.07
CA THR A 136 -0.58 21.55 -4.15
C THR A 136 0.11 20.94 -5.39
N GLN A 137 -0.66 20.39 -6.30
CA GLN A 137 -0.07 19.76 -7.48
C GLN A 137 0.71 20.78 -8.35
N LYS A 138 0.26 22.03 -8.38
CA LYS A 138 0.97 23.05 -9.13
C LYS A 138 2.35 23.20 -8.50
N GLU A 139 2.42 23.35 -7.17
CA GLU A 139 3.69 23.41 -6.44
C GLU A 139 4.57 22.19 -6.73
N VAL A 140 3.98 20.99 -6.67
CA VAL A 140 4.68 19.74 -6.98
C VAL A 140 5.32 19.79 -8.38
N ASN A 142 6.04 22.42 -10.27
CA ASN A 142 7.11 23.43 -10.24
CA ASN A 142 7.13 23.40 -10.28
C ASN A 142 8.41 22.88 -9.59
N PHE A 143 8.25 22.23 -8.43
CA PHE A 143 9.41 21.65 -7.74
C PHE A 143 10.06 20.55 -8.57
N ILE A 144 9.27 19.77 -9.29
CA ILE A 144 9.78 18.69 -10.13
C ILE A 144 10.67 19.32 -11.22
N LEU A 145 10.14 20.36 -11.86
CA LEU A 145 10.85 21.04 -12.91
C LEU A 145 12.15 21.71 -12.39
N SER A 146 12.11 22.31 -11.19
CA SER A 146 13.32 22.90 -10.59
C SER A 146 14.32 21.78 -10.24
N ASP A 147 13.82 20.61 -9.83
CA ASP A 147 14.73 19.52 -9.48
C ASP A 147 15.38 18.97 -10.74
N LEU A 148 14.65 19.00 -11.85
CA LEU A 148 15.23 18.55 -13.12
C LEU A 148 16.28 19.52 -13.69
N GLU A 149 16.07 20.82 -13.53
CA GLU A 149 17.05 21.82 -13.92
C GLU A 149 18.34 21.64 -13.12
N THR A 150 18.19 21.38 -11.83
CA THR A 150 19.32 21.08 -10.98
C THR A 150 20.02 19.81 -11.42
N ALA A 151 19.24 18.78 -11.73
CA ALA A 151 19.80 17.51 -12.22
C ALA A 151 20.60 17.75 -13.50
N TYR A 152 20.04 18.53 -14.43
CA TYR A 152 20.75 18.81 -15.69
C TYR A 152 22.08 19.56 -15.46
N GLU A 153 22.07 20.53 -14.54
CA GLU A 153 23.26 21.34 -14.23
C GLU A 153 24.30 20.49 -13.52
N LEU A 154 23.85 19.63 -12.60
CA LEU A 154 24.74 18.68 -11.91
C LEU A 154 25.44 17.73 -12.88
N PHE A 155 24.67 16.99 -13.67
CA PHE A 155 25.27 16.11 -14.70
C PHE A 155 26.26 16.91 -15.62
N SER A 156 25.85 18.11 -16.04
CA SER A 156 26.67 18.97 -16.90
C SER A 156 28.03 19.32 -16.28
N THR A 157 28.12 19.30 -14.97
CA THR A 157 29.39 19.60 -14.33
C THR A 157 29.90 18.35 -13.64
N ALA A 158 29.53 17.18 -14.15
CA ALA A 158 29.99 15.92 -13.57
C ALA A 158 30.79 15.05 -14.57
N LYS A 159 31.33 13.95 -14.09
CA LYS A 159 32.12 12.99 -14.88
C LYS A 159 31.39 11.64 -14.86
N ASP A 160 31.73 10.73 -15.78
CA ASP A 160 31.03 9.44 -15.88
C ASP A 160 31.17 8.71 -14.55
N PHE A 161 30.16 7.95 -14.17
CA PHE A 161 30.12 7.30 -12.89
C PHE A 161 29.79 5.80 -12.95
N ASP A 162 29.99 5.12 -11.81
CA ASP A 162 29.73 3.70 -11.70
C ASP A 162 28.41 3.37 -11.09
N GLY A 163 27.89 2.21 -11.44
CA GLY A 163 26.71 1.69 -10.79
C GLY A 163 25.44 1.77 -11.60
N ASP A 164 25.57 2.22 -12.85
CA ASP A 164 24.44 2.42 -13.74
C ASP A 164 24.45 1.41 -14.88
N PRO A 165 23.68 0.30 -14.72
CA PRO A 165 23.52 -0.67 -15.79
C PRO A 165 22.54 -0.27 -16.92
N ILE A 166 21.90 0.88 -16.85
CA ILE A 166 20.86 1.22 -17.84
C ILE A 166 21.46 2.14 -18.90
N LEU A 167 22.15 3.18 -18.45
CA LEU A 167 22.82 4.11 -19.37
C LEU A 167 24.35 4.13 -19.19
N GLY A 168 24.92 3.14 -18.48
CA GLY A 168 26.39 3.03 -18.32
C GLY A 168 27.13 4.15 -17.57
N GLY A 169 26.40 4.99 -16.85
CA GLY A 169 27.03 6.09 -16.13
C GLY A 169 27.58 7.21 -17.01
N SER A 170 27.03 7.32 -18.21
CA SER A 170 27.51 8.25 -19.21
C SER A 170 26.82 9.58 -19.01
N ILE A 171 27.62 10.64 -18.79
CA ILE A 171 27.06 11.96 -18.53
C ILE A 171 26.25 12.49 -19.72
N SER A 172 26.77 12.28 -20.92
CA SER A 172 26.09 12.68 -22.14
CA SER A 172 26.09 12.68 -22.14
C SER A 172 24.71 12.02 -22.18
N LYS A 173 24.66 10.73 -21.84
CA LYS A 173 23.36 9.98 -21.87
C LYS A 173 22.41 10.49 -20.78
N TRP A 174 22.95 10.83 -19.61
CA TRP A 174 22.14 11.34 -18.49
C TRP A 174 21.61 12.74 -18.72
N LYS A 175 22.38 13.55 -19.44
CA LYS A 175 21.94 14.86 -19.86
C LYS A 175 20.76 14.73 -20.81
N LYS A 176 20.82 13.75 -21.72
CA LYS A 176 19.71 13.48 -22.65
C LYS A 176 18.48 12.91 -21.94
N ALA A 177 18.69 12.01 -20.99
CA ALA A 177 17.58 11.45 -20.24
C ALA A 177 16.85 12.55 -19.45
N THR A 178 17.62 13.47 -18.87
CA THR A 178 17.07 14.58 -18.08
C THR A 178 16.28 15.50 -18.98
N THR A 179 16.88 15.91 -20.11
CA THR A 179 16.13 16.68 -21.12
C THR A 179 14.81 16.02 -21.56
N ALA A 180 14.93 14.73 -21.89
CA ALA A 180 13.78 13.95 -22.35
C ALA A 180 12.66 13.99 -21.32
N PHE A 181 13.00 13.70 -20.05
CA PHE A 181 12.00 13.72 -19.02
C PHE A 181 11.44 15.12 -18.82
N GLN A 182 12.28 16.15 -18.85
CA GLN A 182 11.80 17.53 -18.75
C GLN A 182 10.71 17.81 -19.79
N LEU A 183 10.95 17.44 -21.04
CA LEU A 183 9.98 17.70 -22.10
C LEU A 183 8.71 16.86 -21.92
N LYS A 184 8.85 15.64 -21.43
CA LYS A 184 7.66 14.80 -21.14
C LYS A 184 6.79 15.40 -20.03
N VAL A 185 7.45 15.84 -18.97
CA VAL A 185 6.72 16.46 -17.87
C VAL A 185 5.99 17.74 -18.40
N LEU A 186 6.72 18.57 -19.15
CA LEU A 186 6.11 19.80 -19.68
C LEU A 186 4.95 19.51 -20.63
N HIS A 188 2.96 16.94 -20.45
CA HIS A 188 1.87 16.51 -19.57
C HIS A 188 1.18 17.70 -18.88
N LEU A 189 1.84 18.87 -18.88
CA LEU A 189 1.24 20.12 -18.43
C LEU A 189 0.58 20.94 -19.55
N SER A 190 0.23 20.30 -20.67
CA SER A 190 -0.38 21.03 -21.81
C SER A 190 -1.70 21.71 -21.48
N LYS A 191 -2.53 21.08 -20.66
CA LYS A 191 -3.78 21.74 -20.26
C LYS A 191 -3.55 23.02 -19.45
N LYS A 192 -2.32 23.29 -19.04
CA LYS A 192 -1.99 24.41 -18.16
C LYS A 192 -1.11 25.39 -18.88
N GLU A 193 -1.20 25.39 -20.20
CA GLU A 193 -0.43 26.35 -20.97
C GLU A 193 -0.65 27.84 -20.56
N SER A 194 -1.85 28.23 -20.10
CA SER A 194 -2.11 29.63 -19.61
C SER A 194 -1.56 29.98 -18.22
N ASP A 195 -1.35 28.97 -17.39
CA ASP A 195 -0.85 29.27 -16.06
C ASP A 195 0.31 30.28 -16.17
N ALA A 196 0.19 31.33 -15.35
CA ALA A 196 1.07 32.50 -15.34
C ALA A 196 2.47 32.16 -14.89
N ASP A 197 2.55 31.28 -13.90
CA ASP A 197 3.77 30.97 -13.17
C ASP A 197 4.52 29.75 -13.64
N LEU A 198 3.81 28.85 -14.33
CA LEU A 198 4.38 27.55 -14.68
C LEU A 198 5.20 27.70 -15.95
N LYS A 199 4.83 28.68 -16.77
CA LYS A 199 5.55 29.00 -18.04
C LYS A 199 5.85 27.74 -18.88
N VAL A 200 4.80 26.98 -19.22
CA VAL A 200 4.98 25.65 -19.82
C VAL A 200 5.60 25.78 -21.21
N LYS A 201 4.93 26.52 -22.09
CA LYS A 201 5.40 26.69 -23.47
C LYS A 201 6.83 27.25 -23.51
N GLU A 202 7.05 28.28 -22.70
CA GLU A 202 8.32 28.98 -22.65
C GLU A 202 9.44 28.07 -22.16
N ARG A 203 9.19 27.28 -21.15
CA ARG A 203 10.23 26.38 -20.67
CA ARG A 203 10.22 26.36 -20.65
C ARG A 203 10.45 25.22 -21.63
N PHE A 204 9.39 24.78 -22.31
CA PHE A 204 9.55 23.67 -23.28
C PHE A 204 10.46 24.13 -24.45
N ALA A 205 10.18 25.29 -25.03
CA ALA A 205 11.03 25.84 -26.07
C ALA A 205 12.46 26.06 -25.59
N ARG A 206 12.64 26.54 -24.36
CA ARG A 206 13.99 26.89 -23.90
C ARG A 206 14.83 25.62 -23.78
N ILE A 207 14.23 24.54 -23.25
CA ILE A 207 14.90 23.25 -23.13
CA ILE A 207 14.93 23.26 -23.13
C ILE A 207 15.22 22.62 -24.50
N VAL A 208 14.28 22.74 -25.45
CA VAL A 208 14.54 22.25 -26.82
C VAL A 208 15.75 22.99 -27.44
N ALA A 209 15.87 24.28 -27.17
CA ALA A 209 16.98 25.08 -27.73
C ALA A 209 18.30 24.85 -26.96
N SER A 210 18.21 24.60 -25.65
CA SER A 210 19.39 24.66 -24.76
C SER A 210 19.82 23.33 -24.13
N GLY A 211 18.93 22.33 -24.12
CA GLY A 211 19.22 21.04 -23.51
C GLY A 211 19.82 20.05 -24.50
N SER A 212 19.74 18.76 -24.18
CA SER A 212 20.38 17.73 -24.98
C SER A 212 19.36 16.81 -25.58
N LEU A 213 18.96 17.06 -26.83
CA LEU A 213 18.02 16.19 -27.50
C LEU A 213 18.64 14.84 -27.82
N GLU A 215 19.49 11.60 -30.00
CA GLU A 215 19.96 11.55 -31.38
C GLU A 215 19.57 10.27 -32.08
N SER A 216 19.31 9.20 -31.34
CA SER A 216 18.83 7.95 -31.91
C SER A 216 18.22 7.00 -30.87
N ASN A 217 17.66 5.87 -31.33
CA ASN A 217 17.21 4.79 -30.46
C ASN A 217 18.33 4.30 -29.46
N GLU A 218 19.61 4.50 -29.80
CA GLU A 218 20.74 4.17 -28.89
C GLU A 218 20.71 4.97 -27.58
N ASP A 219 20.00 6.11 -27.55
CA ASP A 219 19.95 6.95 -26.37
C ASP A 219 18.85 6.55 -25.39
N ASN A 220 18.03 5.56 -25.75
CA ASN A 220 16.85 5.19 -24.91
C ASN A 220 17.29 4.79 -23.51
N LEU A 221 16.56 5.30 -22.53
CA LEU A 221 16.57 4.79 -21.16
C LEU A 221 15.54 3.66 -21.12
N GLN A 222 16.06 2.44 -21.12
CA GLN A 222 15.25 1.25 -21.27
C GLN A 222 15.92 0.09 -20.57
N LYS A 224 16.90 -3.74 -21.39
CA LYS A 224 17.13 -4.72 -22.46
C LYS A 224 17.23 -6.05 -21.79
N TYR A 225 16.85 -7.11 -22.48
CA TYR A 225 16.88 -8.43 -21.87
C TYR A 225 17.85 -9.38 -22.57
N ALA A 226 18.20 -10.43 -21.80
CA ALA A 226 19.05 -11.54 -22.23
C ALA A 226 20.44 -11.06 -22.60
N ALA A 229 21.92 -9.81 -19.13
CA ALA A 229 22.93 -10.84 -18.90
C ALA A 229 22.26 -12.20 -18.87
N ASN A 230 21.84 -12.65 -17.67
CA ASN A 230 21.07 -13.90 -17.52
C ASN A 230 19.63 -13.59 -17.03
N THR A 231 18.84 -12.93 -17.88
CA THR A 231 17.49 -12.40 -17.53
C THR A 231 16.60 -12.36 -18.77
N VAL A 232 15.33 -12.78 -18.66
CA VAL A 232 14.48 -12.85 -19.84
C VAL A 232 13.35 -11.83 -19.78
N TYR A 233 12.79 -11.54 -20.93
CA TYR A 233 11.67 -10.59 -21.06
C TYR A 233 10.53 -11.04 -20.11
N PRO A 234 9.83 -10.07 -19.48
CA PRO A 234 8.87 -10.47 -18.45
C PRO A 234 7.84 -11.53 -18.85
N PHE A 235 7.43 -11.57 -20.11
CA PHE A 235 6.41 -12.53 -20.60
C PHE A 235 6.98 -13.71 -21.39
N HIS A 236 8.27 -13.94 -21.28
CA HIS A 236 8.80 -15.22 -21.77
C HIS A 236 8.12 -16.41 -21.08
N ASN A 237 8.04 -17.52 -21.81
CA ASN A 237 7.56 -18.84 -21.32
CA ASN A 237 7.40 -18.72 -21.23
C ASN A 237 8.09 -19.26 -19.97
N THR A 238 9.38 -18.99 -19.78
CA THR A 238 10.03 -19.41 -18.54
C THR A 238 9.60 -18.54 -17.33
N ASN A 239 9.01 -17.35 -17.57
CA ASN A 239 8.59 -16.41 -16.50
C ASN A 239 7.11 -16.44 -16.16
N THR A 240 6.26 -16.72 -17.13
CA THR A 240 4.83 -16.80 -16.88
C THR A 240 4.17 -17.83 -17.75
N LYS A 241 3.10 -18.42 -17.23
CA LYS A 241 2.25 -19.32 -17.98
C LYS A 241 1.03 -18.56 -18.56
N HIS A 242 0.92 -17.24 -18.29
CA HIS A 242 -0.31 -16.47 -18.53
C HIS A 242 -0.36 -15.53 -19.74
N ALA A 243 0.73 -15.39 -20.50
CA ALA A 243 0.76 -14.53 -21.68
C ALA A 243 -0.26 -14.99 -22.75
N GLY A 244 -0.57 -16.29 -22.76
CA GLY A 244 -1.59 -16.90 -23.64
C GLY A 244 -2.99 -16.34 -23.55
N TYR A 245 -3.31 -15.69 -22.43
CA TYR A 245 -4.66 -15.09 -22.25
C TYR A 245 -4.83 -13.73 -22.94
N ALA A 246 -3.73 -13.16 -23.42
CA ALA A 246 -3.73 -11.85 -24.12
C ALA A 246 -4.46 -11.91 -25.44
N LEU A 248 -5.35 -9.31 -28.46
CA LEU A 248 -5.08 -7.98 -28.99
C LEU A 248 -6.39 -7.26 -29.43
N SER A 249 -6.42 -5.97 -29.11
CA SER A 249 -7.60 -5.18 -29.23
C SER A 249 -7.88 -4.74 -30.65
N THR A 250 -9.14 -4.41 -30.89
CA THR A 250 -9.54 -3.72 -32.08
C THR A 250 -8.80 -2.41 -32.24
N LEU A 252 -5.81 -1.87 -31.80
CA LEU A 252 -4.58 -2.12 -32.58
C LEU A 252 -4.89 -2.70 -33.95
N ILE A 253 -5.63 -3.80 -33.99
CA ILE A 253 -5.81 -4.53 -35.25
C ILE A 253 -6.60 -3.71 -36.30
N ASP A 254 -7.68 -3.07 -35.91
CA ASP A 254 -8.46 -2.29 -36.87
C ASP A 254 -7.71 -1.04 -37.37
N LYS A 255 -6.98 -0.37 -36.49
CA LYS A 255 -6.17 0.80 -36.91
C LYS A 255 -5.06 0.42 -37.89
N PHE A 256 -4.45 -0.73 -37.64
CA PHE A 256 -3.39 -1.25 -38.48
C PHE A 256 -3.93 -1.60 -39.86
N LYS A 257 -5.01 -2.38 -39.93
CA LYS A 257 -5.61 -2.72 -41.20
C LYS A 257 -6.04 -1.50 -42.03
N ALA A 258 -6.56 -0.48 -41.36
CA ALA A 258 -7.08 0.72 -42.00
C ALA A 258 -5.97 1.52 -42.65
N THR A 259 -4.74 1.39 -42.15
CA THR A 259 -3.58 2.16 -42.67
C THR A 259 -2.49 1.28 -43.33
N GLY A 260 -2.78 0.01 -43.56
CA GLY A 260 -1.82 -0.93 -44.12
C GLY A 260 -0.52 -0.92 -43.33
N ASP A 261 -0.65 -0.88 -42.00
CA ASP A 261 0.48 -0.83 -41.08
C ASP A 261 0.98 -2.22 -40.73
N ILE A 262 2.15 -2.57 -41.26
CA ILE A 262 2.65 -3.95 -41.14
C ILE A 262 3.18 -4.28 -39.72
N ARG A 263 3.18 -3.29 -38.82
CA ARG A 263 3.45 -3.59 -37.42
C ARG A 263 2.45 -4.59 -36.84
N PHE A 265 1.73 -7.37 -37.93
CA PHE A 265 2.30 -8.70 -38.11
C PHE A 265 3.39 -9.02 -37.10
N TYR A 266 3.98 -7.98 -36.49
CA TYR A 266 5.00 -8.10 -35.42
C TYR A 266 4.41 -8.03 -34.01
N TYR A 267 3.25 -7.40 -33.87
CA TYR A 267 2.55 -7.33 -32.56
C TYR A 267 1.74 -8.58 -32.27
N ALA A 268 1.17 -9.14 -33.32
CA ALA A 268 0.15 -10.19 -33.24
C ALA A 268 0.61 -11.52 -33.85
N LYS A 269 -0.13 -12.59 -33.53
CA LYS A 269 -0.08 -13.83 -34.30
C LYS A 269 -1.50 -14.12 -34.84
N PRO A 270 -1.62 -14.98 -35.87
CA PRO A 270 -2.93 -15.19 -36.49
C PRO A 270 -3.90 -15.82 -35.53
N ALA A 271 -5.18 -15.55 -35.74
CA ALA A 271 -6.27 -16.20 -35.03
C ALA A 271 -6.26 -17.67 -35.41
N LYS A 272 -6.26 -18.56 -34.44
CA LYS A 272 -6.15 -19.97 -34.77
C LYS A 272 -7.40 -20.42 -35.55
N ALA A 273 -8.55 -19.81 -35.27
CA ALA A 273 -9.78 -20.17 -36.00
C ALA A 273 -9.67 -19.76 -37.46
N LYS A 274 -8.93 -18.68 -37.75
CA LYS A 274 -8.68 -18.30 -39.16
C LYS A 274 -7.73 -19.28 -39.83
N LEU A 275 -6.60 -19.60 -39.18
CA LEU A 275 -5.67 -20.63 -39.72
C LEU A 275 -6.42 -21.96 -40.05
N ASN A 276 -7.34 -22.36 -39.18
CA ASN A 276 -8.11 -23.59 -39.40
C ASN A 276 -9.05 -23.57 -40.61
N GLU A 277 -9.47 -22.38 -41.07
CA GLU A 277 -10.28 -22.31 -42.29
CA GLU A 277 -10.27 -22.20 -42.29
C GLU A 277 -9.38 -22.20 -43.54
N GLY A 278 -8.07 -22.21 -43.34
CA GLY A 278 -7.12 -22.09 -44.44
C GLY A 278 -6.63 -20.67 -44.78
N VAL A 279 -6.95 -19.70 -43.92
CA VAL A 279 -6.45 -18.34 -44.10
C VAL A 279 -4.97 -18.37 -43.66
N THR A 280 -4.08 -17.83 -44.47
CA THR A 280 -2.63 -17.96 -44.24
C THR A 280 -2.11 -16.85 -43.33
N ALA A 281 -0.95 -17.07 -42.70
CA ALA A 281 -0.40 -16.10 -41.71
C ALA A 281 -0.03 -14.77 -42.34
N ASP A 282 0.36 -14.79 -43.62
CA ASP A 282 0.66 -13.55 -44.32
C ASP A 282 -0.58 -12.70 -44.71
N SER A 283 -1.80 -13.21 -44.51
CA SER A 283 -2.99 -12.48 -44.93
CA SER A 283 -2.99 -12.48 -44.93
C SER A 283 -3.49 -11.55 -43.84
N TRP A 284 -3.91 -10.34 -44.22
CA TRP A 284 -4.48 -9.42 -43.23
C TRP A 284 -5.71 -10.03 -42.53
N ASP A 285 -6.50 -10.87 -43.23
CA ASP A 285 -7.75 -11.48 -42.72
C ASP A 285 -7.56 -12.56 -41.64
N ALA A 286 -6.36 -13.10 -41.51
CA ALA A 286 -6.02 -14.08 -40.47
C ALA A 286 -6.02 -13.48 -39.05
N TYR A 287 -5.95 -12.14 -38.94
CA TYR A 287 -5.85 -11.43 -37.66
C TYR A 287 -7.21 -10.82 -37.22
N ILE A 288 -7.56 -10.99 -35.93
CA ILE A 288 -8.87 -10.62 -35.36
C ILE A 288 -8.59 -9.73 -34.13
N GLY A 289 -9.12 -8.52 -34.12
CA GLY A 289 -9.11 -7.68 -32.92
C GLY A 289 -10.27 -8.03 -31.98
N THR A 290 -10.02 -7.94 -30.67
CA THR A 290 -11.06 -8.18 -29.66
C THR A 290 -11.43 -6.84 -29.06
N ASP A 291 -12.71 -6.47 -29.12
CA ASP A 291 -13.22 -5.24 -28.49
C ASP A 291 -13.34 -5.45 -26.97
N PRO A 292 -12.48 -4.79 -26.16
CA PRO A 292 -12.46 -5.14 -24.74
C PRO A 292 -13.64 -4.60 -23.95
N SER A 293 -14.51 -3.81 -24.60
CA SER A 293 -15.73 -3.26 -24.01
C SER A 293 -16.94 -4.23 -24.07
N LEU A 294 -16.80 -5.32 -24.79
CA LEU A 294 -17.84 -6.32 -24.89
C LEU A 294 -18.05 -7.02 -23.52
N PRO A 295 -19.28 -7.50 -23.25
CA PRO A 295 -19.53 -8.33 -22.06
C PRO A 295 -18.50 -9.46 -21.92
N PHE A 296 -17.98 -9.68 -20.71
CA PHE A 296 -16.92 -10.67 -20.52
C PHE A 296 -17.30 -12.05 -21.03
N GLU A 297 -18.58 -12.43 -20.96
CA GLU A 297 -18.96 -13.78 -21.42
C GLU A 297 -18.79 -13.92 -22.92
N GLN A 298 -18.98 -12.82 -23.66
CA GLN A 298 -18.70 -12.85 -25.10
C GLN A 298 -17.21 -12.96 -25.40
N ILE A 299 -16.41 -12.23 -24.63
CA ILE A 299 -14.95 -12.30 -24.72
C ILE A 299 -14.47 -13.73 -24.44
N GLU A 300 -15.04 -14.34 -23.39
CA GLU A 300 -14.67 -15.68 -23.00
CA GLU A 300 -14.72 -15.73 -23.01
C GLU A 300 -15.04 -16.68 -24.13
N LYS A 301 -16.20 -16.50 -24.77
CA LYS A 301 -16.61 -17.34 -25.89
CA LYS A 301 -16.58 -17.37 -25.89
C LYS A 301 -15.66 -17.17 -27.10
N ALA A 302 -15.22 -15.95 -27.34
CA ALA A 302 -14.27 -15.70 -28.43
C ALA A 302 -12.91 -16.36 -28.09
N TYR A 303 -12.51 -16.33 -26.84
CA TYR A 303 -11.25 -16.94 -26.43
C TYR A 303 -11.29 -18.49 -26.56
N ALA A 304 -12.38 -19.10 -26.10
CA ALA A 304 -12.54 -20.56 -26.13
C ALA A 304 -12.55 -21.13 -27.55
N THR A 305 -13.14 -20.40 -28.50
CA THR A 305 -13.25 -20.82 -29.89
C THR A 305 -12.11 -20.28 -30.77
N GLU A 306 -11.14 -19.63 -30.13
CA GLU A 306 -9.91 -19.08 -30.74
C GLU A 306 -10.12 -18.05 -31.84
N GLN A 307 -11.19 -17.27 -31.71
CA GLN A 307 -11.50 -16.19 -32.60
C GLN A 307 -10.94 -14.87 -32.07
N TYR A 308 -9.63 -14.86 -31.94
CA TYR A 308 -8.87 -13.75 -31.39
C TYR A 308 -7.42 -13.96 -31.82
N SER A 309 -6.68 -12.86 -31.87
CA SER A 309 -5.25 -12.86 -32.12
C SER A 309 -4.50 -12.56 -30.83
N GLY A 310 -3.61 -13.47 -30.46
CA GLY A 310 -2.77 -13.31 -29.25
C GLY A 310 -1.45 -12.66 -29.59
N PHE A 311 -0.53 -12.62 -28.63
CA PHE A 311 0.78 -12.06 -28.81
C PHE A 311 1.55 -12.74 -29.91
N ASN A 312 2.33 -11.94 -30.66
CA ASN A 312 3.38 -12.45 -31.53
C ASN A 312 4.34 -13.24 -30.66
N ALA A 313 5.06 -14.18 -31.27
CA ALA A 313 6.02 -15.03 -30.58
C ALA A 313 7.23 -14.27 -30.04
N ARG A 314 7.55 -13.10 -30.58
CA ARG A 314 8.69 -12.36 -30.05
C ARG A 314 8.50 -11.94 -28.58
N TYR A 315 7.25 -11.80 -28.13
CA TYR A 315 6.98 -11.40 -26.74
C TYR A 315 7.03 -12.59 -25.79
N THR A 316 6.87 -13.80 -26.31
CA THR A 316 6.58 -14.97 -25.46
C THR A 316 7.58 -16.13 -25.61
N ASP A 317 8.14 -16.31 -26.80
CA ASP A 317 9.08 -17.43 -27.03
C ASP A 317 10.48 -16.97 -27.34
N TYR A 318 10.72 -15.67 -27.38
CA TYR A 318 12.03 -15.12 -27.74
C TYR A 318 12.62 -14.42 -26.50
N PRO A 319 13.70 -15.00 -25.93
CA PRO A 319 14.19 -14.63 -24.59
C PRO A 319 14.43 -13.15 -24.38
N SER A 320 15.05 -12.46 -25.35
CA SER A 320 15.28 -11.01 -25.23
C SER A 320 14.01 -10.13 -25.48
N GLY A 321 12.94 -10.73 -26.00
CA GLY A 321 11.71 -10.00 -26.28
C GLY A 321 12.01 -8.73 -27.05
N GLU A 322 11.65 -7.58 -26.46
CA GLU A 322 12.12 -6.25 -26.88
C GLU A 322 12.42 -5.43 -25.63
N PRO A 323 13.34 -4.45 -25.73
CA PRO A 323 13.52 -3.53 -24.61
C PRO A 323 12.22 -2.88 -24.16
N VAL A 324 12.13 -2.64 -22.84
CA VAL A 324 11.01 -1.90 -22.22
C VAL A 324 11.55 -0.52 -21.94
N VAL A 325 10.94 0.44 -22.62
CA VAL A 325 11.45 1.81 -22.66
C VAL A 325 10.65 2.70 -21.69
N ARG A 326 11.40 3.55 -20.97
CA ARG A 326 10.84 4.60 -20.15
C ARG A 326 10.93 5.94 -20.84
N LEU A 327 12.09 6.21 -21.43
CA LEU A 327 12.33 7.44 -22.14
C LEU A 327 12.97 7.07 -23.45
N GLY A 328 12.33 7.42 -24.56
CA GLY A 328 12.86 7.03 -25.88
C GLY A 328 12.95 8.10 -26.95
N TYR A 329 13.68 7.75 -28.02
CA TYR A 329 13.88 8.57 -29.20
C TYR A 329 12.57 8.76 -30.00
N ALA A 330 11.85 7.69 -30.30
CA ALA A 330 10.53 7.77 -30.94
C ALA A 330 9.58 8.62 -30.10
N GLU A 331 9.50 8.29 -28.84
CA GLU A 331 8.64 9.01 -27.93
C GLU A 331 8.91 10.52 -27.98
N GLN A 332 10.17 10.90 -27.88
CA GLN A 332 10.54 12.31 -27.80
C GLN A 332 10.11 13.04 -29.04
N ASN A 333 10.25 12.34 -30.16
CA ASN A 333 9.81 12.87 -31.42
C ASN A 333 8.28 12.99 -31.56
N PHE A 334 7.49 12.08 -30.96
CA PHE A 334 6.02 12.33 -30.90
C PHE A 334 5.69 13.54 -29.99
N ILE A 335 6.44 13.72 -28.90
CA ILE A 335 6.30 14.90 -28.00
C ILE A 335 6.64 16.20 -28.83
N LEU A 336 7.80 16.22 -29.51
CA LEU A 336 8.18 17.37 -30.37
C LEU A 336 7.10 17.63 -31.45
N ALA A 337 6.54 16.56 -32.03
CA ALA A 337 5.50 16.75 -33.06
C ALA A 337 4.29 17.49 -32.51
N GLU A 338 3.82 17.03 -31.36
CA GLU A 338 2.67 17.67 -30.71
C GLU A 338 2.94 19.16 -30.28
N ALA A 339 4.16 19.42 -29.83
CA ALA A 339 4.60 20.76 -29.43
C ALA A 339 4.60 21.69 -30.62
N ALA A 340 4.98 21.13 -31.79
CA ALA A 340 5.03 21.88 -33.05
C ALA A 340 3.59 22.22 -33.47
N VAL A 341 2.68 21.24 -33.46
CA VAL A 341 1.28 21.49 -33.82
C VAL A 341 0.64 22.49 -32.88
N ARG A 342 1.02 22.43 -31.61
CA ARG A 342 0.47 23.33 -30.58
C ARG A 342 1.09 24.71 -30.70
N GLY A 343 2.17 24.85 -31.49
CA GLY A 343 2.82 26.12 -31.70
C GLY A 343 3.82 26.49 -30.61
N TRP A 344 4.18 25.52 -29.77
CA TRP A 344 5.18 25.74 -28.69
C TRP A 344 6.59 25.95 -29.23
N ILE A 345 6.90 25.22 -30.31
CA ILE A 345 8.20 25.31 -30.99
C ILE A 345 7.96 25.51 -32.50
N SER A 346 8.95 26.02 -33.21
CA SER A 346 8.76 26.44 -34.59
C SER A 346 9.03 25.36 -35.65
N GLY A 347 9.57 24.22 -35.27
CA GLY A 347 9.93 23.18 -36.26
C GLY A 347 8.75 22.57 -36.97
N ASP A 348 9.04 21.81 -38.02
CA ASP A 348 7.98 21.16 -38.79
C ASP A 348 7.39 19.95 -38.07
N ALA A 349 6.12 20.05 -37.70
CA ALA A 349 5.43 18.94 -37.06
C ALA A 349 5.57 17.66 -37.83
N SER A 350 5.33 17.69 -39.15
CA SER A 350 5.32 16.45 -39.94
C SER A 350 6.66 15.72 -39.90
N ALA A 351 7.75 16.47 -39.90
CA ALA A 351 9.11 15.89 -39.88
C ALA A 351 9.38 15.19 -38.53
N TYR A 352 8.93 15.78 -37.42
CA TYR A 352 9.07 15.10 -36.10
C TYR A 352 8.25 13.82 -36.04
N TYR A 353 7.01 13.92 -36.51
CA TYR A 353 6.08 12.81 -36.58
C TYR A 353 6.66 11.64 -37.35
N LYS A 354 7.18 11.90 -38.54
CA LYS A 354 7.78 10.84 -39.36
C LYS A 354 9.10 10.27 -38.78
N LYS A 355 9.91 11.10 -38.15
CA LYS A 355 11.06 10.64 -37.39
CA LYS A 355 11.06 10.62 -37.42
C LYS A 355 10.61 9.67 -36.30
N ALA A 356 9.50 10.01 -35.64
CA ALA A 356 8.99 9.17 -34.54
C ALA A 356 8.53 7.82 -35.07
N ILE A 357 7.74 7.83 -36.14
CA ILE A 357 7.23 6.57 -36.71
C ILE A 357 8.37 5.68 -37.23
N ARG A 358 9.31 6.34 -37.90
CA ARG A 358 10.47 5.65 -38.42
C ARG A 358 11.24 5.04 -37.27
N ALA A 359 11.45 5.81 -36.19
CA ALA A 359 12.29 5.35 -35.08
C ALA A 359 11.70 4.08 -34.45
N HIS A 360 10.37 4.02 -34.36
CA HIS A 360 9.68 2.86 -33.76
C HIS A 360 9.79 1.61 -34.66
N GLU A 362 12.18 1.09 -36.86
CA GLU A 362 13.59 0.66 -36.77
C GLU A 362 13.91 0.00 -35.43
N PHE A 363 13.30 0.50 -34.34
CA PHE A 363 13.40 -0.15 -33.04
C PHE A 363 12.93 -1.63 -33.09
N ILE A 364 11.73 -1.86 -33.62
CA ILE A 364 11.24 -3.25 -33.84
C ILE A 364 12.23 -4.11 -34.65
N ALA A 365 12.62 -3.61 -35.81
CA ALA A 365 13.58 -4.28 -36.73
C ALA A 365 14.92 -4.61 -36.06
N SER A 366 15.44 -3.66 -35.32
CA SER A 366 16.69 -3.85 -34.57
C SER A 366 16.60 -4.90 -33.51
N ASN A 367 15.42 -5.12 -32.96
CA ASN A 367 15.29 -6.04 -31.84
C ASN A 367 14.50 -7.32 -32.10
N THR A 368 14.30 -7.66 -33.39
CA THR A 368 13.54 -8.84 -33.81
C THR A 368 14.32 -9.57 -34.93
N PRO A 369 14.50 -10.91 -34.80
CA PRO A 369 15.09 -11.66 -35.90
C PRO A 369 14.26 -11.58 -37.17
N ASP A 370 14.96 -11.67 -38.31
CA ASP A 370 14.33 -11.70 -39.61
C ASP A 370 13.90 -13.13 -39.90
N GLU A 371 12.82 -13.56 -39.27
CA GLU A 371 12.31 -14.92 -39.40
C GLU A 371 10.80 -14.87 -39.48
N GLU A 372 10.21 -15.83 -40.17
CA GLU A 372 8.76 -15.80 -40.49
C GLU A 372 7.91 -15.91 -39.22
N VAL A 373 8.42 -16.64 -38.24
CA VAL A 373 7.73 -16.79 -36.96
C VAL A 373 7.40 -15.44 -36.28
N TYR A 374 8.21 -14.40 -36.58
CA TYR A 374 8.05 -13.03 -36.06
C TYR A 374 7.38 -12.02 -37.02
N HIS A 375 7.71 -12.06 -38.30
CA HIS A 375 7.18 -11.06 -39.24
C HIS A 375 6.06 -11.59 -40.15
N HIS A 376 5.83 -12.90 -40.15
CA HIS A 376 4.69 -13.52 -40.85
C HIS A 376 4.60 -13.20 -42.33
N GLY A 377 5.75 -12.90 -42.88
CA GLY A 377 5.86 -12.57 -44.26
C GLY A 377 5.97 -11.10 -44.56
N HIS A 378 5.86 -10.21 -43.56
CA HIS A 378 5.99 -8.76 -43.79
C HIS A 378 7.16 -8.13 -43.01
N PRO A 379 8.41 -8.49 -43.38
CA PRO A 379 9.54 -7.87 -42.70
C PRO A 379 9.56 -6.35 -42.77
N ILE A 380 9.93 -5.72 -41.66
CA ILE A 380 10.23 -4.29 -41.65
C ILE A 380 11.60 -4.08 -42.30
N THR A 381 11.54 -3.55 -43.52
CA THR A 381 12.67 -3.15 -44.34
C THR A 381 12.64 -1.63 -44.51
N GLU A 382 13.75 -1.08 -44.94
CA GLU A 382 13.83 0.34 -45.27
C GLU A 382 12.74 0.72 -46.30
N GLU A 383 12.53 -0.15 -47.30
CA GLU A 383 11.51 0.21 -48.30
C GLU A 383 10.09 0.20 -47.70
N ALA A 384 9.80 -0.70 -46.77
CA ALA A 384 8.50 -0.73 -46.10
C ALA A 384 8.31 0.51 -45.25
N ILE A 385 9.38 0.99 -44.59
CA ILE A 385 9.34 2.19 -43.75
C ILE A 385 9.08 3.40 -44.62
N ALA A 386 9.91 3.59 -45.64
CA ALA A 386 9.77 4.72 -46.52
C ALA A 386 8.35 4.77 -47.13
N ALA A 387 7.81 3.62 -47.49
CA ALA A 387 6.48 3.57 -48.10
C ALA A 387 5.38 3.99 -47.12
N PHE A 388 5.45 3.42 -45.92
CA PHE A 388 4.45 3.69 -44.89
C PHE A 388 4.40 5.16 -44.47
N LEU A 389 5.56 5.82 -44.41
CA LEU A 389 5.65 7.21 -43.94
C LEU A 389 4.90 8.14 -44.87
N GLU A 390 4.74 7.74 -46.13
CA GLU A 390 4.01 8.55 -47.12
C GLU A 390 2.62 8.03 -47.47
N THR A 391 2.07 7.14 -46.64
CA THR A 391 0.67 6.68 -46.70
C THR A 391 -0.24 7.89 -46.56
N PRO A 392 -1.14 8.14 -47.53
CA PRO A 392 -1.99 9.35 -47.38
C PRO A 392 -2.84 9.39 -46.10
N ALA A 393 -3.32 8.23 -45.67
CA ALA A 393 -4.21 8.16 -44.51
C ALA A 393 -3.59 8.71 -43.20
N ILE A 394 -2.27 8.60 -43.03
CA ILE A 394 -1.56 9.08 -41.80
C ILE A 394 -0.96 10.49 -41.93
N GLN A 395 -1.09 11.15 -43.08
CA GLN A 395 -0.47 12.44 -43.20
C GLN A 395 -1.21 13.46 -42.34
N LEU A 396 -0.42 14.35 -41.77
CA LEU A 396 -0.95 15.50 -41.04
C LEU A 396 -1.58 16.46 -42.05
N SER A 397 -2.70 17.07 -41.66
CA SER A 397 -3.50 17.92 -42.55
C SER A 397 -3.31 19.41 -42.26
N GLY A 398 -2.69 19.73 -41.14
CA GLY A 398 -2.59 21.12 -40.69
C GLY A 398 -3.83 21.61 -39.97
N GLU A 399 -4.87 20.78 -39.82
CA GLU A 399 -5.98 21.09 -38.88
C GLU A 399 -5.60 20.58 -37.48
N LYS A 400 -5.55 21.47 -36.50
CA LYS A 400 -4.95 21.17 -35.19
C LYS A 400 -5.49 19.92 -34.48
N GLU A 401 -6.81 19.81 -34.34
CA GLU A 401 -7.36 18.70 -33.55
C GLU A 401 -7.17 17.39 -34.28
N GLU A 402 -7.30 17.40 -35.61
CA GLU A 402 -7.02 16.21 -36.38
C GLU A 402 -5.54 15.77 -36.28
N ASP A 403 -4.62 16.73 -36.20
CA ASP A 403 -3.17 16.45 -36.14
C ASP A 403 -2.75 15.93 -34.77
N ILE A 404 -3.29 16.54 -33.72
CA ILE A 404 -3.04 16.03 -32.37
C ILE A 404 -3.58 14.61 -32.28
N GLU A 405 -4.77 14.33 -32.84
CA GLU A 405 -5.32 12.96 -32.82
C GLU A 405 -4.40 11.94 -33.52
N LYS A 406 -3.88 12.32 -34.68
CA LYS A 406 -2.96 11.46 -35.41
C LYS A 406 -1.66 11.20 -34.65
N ILE A 407 -1.07 12.23 -34.06
CA ILE A 407 0.20 12.10 -33.31
C ILE A 407 -0.05 11.21 -32.08
N LEU A 408 -1.11 11.51 -31.31
CA LEU A 408 -1.44 10.67 -30.15
CA LEU A 408 -1.49 10.69 -30.15
C LEU A 408 -1.81 9.24 -30.52
N THR A 409 -2.41 9.01 -31.70
CA THR A 409 -2.77 7.64 -32.09
C THR A 409 -1.57 6.84 -32.54
N GLN A 410 -0.69 7.46 -33.31
CA GLN A 410 0.56 6.80 -33.67
C GLN A 410 1.43 6.54 -32.44
N ARG A 411 1.47 7.49 -31.52
CA ARG A 411 2.14 7.32 -30.23
C ARG A 411 1.53 6.18 -29.43
N TYR A 412 0.19 6.12 -29.36
CA TYR A 412 -0.51 4.97 -28.72
C TYR A 412 -0.06 3.63 -29.28
N LEU A 413 -0.01 3.53 -30.61
CA LEU A 413 0.31 2.25 -31.24
C LEU A 413 1.77 1.91 -30.99
N ALA A 414 2.64 2.93 -31.06
CA ALA A 414 4.07 2.72 -30.87
C ALA A 414 4.46 2.42 -29.40
N SER A 415 3.52 2.56 -28.47
CA SER A 415 3.79 2.42 -27.04
CA SER A 415 3.79 2.41 -27.04
C SER A 415 3.09 1.17 -26.44
N PHE A 416 2.54 0.30 -27.29
CA PHE A 416 2.08 -1.03 -26.83
C PHE A 416 3.23 -1.78 -26.15
N GLN A 418 5.01 -0.70 -23.75
CA GLN A 418 6.03 0.32 -23.46
C GLN A 418 5.53 1.37 -22.49
N HIS A 419 6.46 2.09 -21.85
CA HIS A 419 6.14 3.31 -21.11
C HIS A 419 4.98 3.10 -20.14
N PRO A 420 5.21 2.28 -19.09
CA PRO A 420 4.09 1.87 -18.25
C PRO A 420 3.15 3.02 -17.80
N TYR A 421 1.86 2.88 -18.14
CA TYR A 421 0.76 3.84 -17.81
C TYR A 421 0.75 5.19 -18.53
N ASP A 422 1.82 5.52 -19.24
CA ASP A 422 1.90 6.75 -20.02
C ASP A 422 0.81 6.92 -21.10
N VAL A 423 0.41 5.83 -21.76
CA VAL A 423 -0.63 5.89 -22.79
C VAL A 423 -1.95 6.38 -22.15
N TYR A 424 -2.27 5.77 -21.02
CA TYR A 424 -3.43 6.18 -20.24
C TYR A 424 -3.26 7.64 -19.82
N TYR A 425 -2.07 8.06 -19.39
CA TYR A 425 -1.93 9.49 -19.01
C TYR A 425 -2.16 10.45 -20.19
N ASP A 426 -1.63 10.10 -21.36
CA ASP A 426 -1.89 10.92 -22.57
C ASP A 426 -3.38 10.93 -22.97
N TYR A 427 -4.06 9.81 -22.72
CA TYR A 427 -5.50 9.73 -22.95
C TYR A 427 -6.22 10.73 -22.00
N ARG A 428 -5.87 10.73 -20.73
CA ARG A 428 -6.51 11.69 -19.82
C ARG A 428 -6.35 13.10 -20.35
N ARG A 429 -5.10 13.43 -20.71
CA ARG A 429 -4.70 14.78 -21.08
C ARG A 429 -5.34 15.30 -22.36
N THR A 430 -5.54 14.42 -23.34
CA THR A 430 -5.96 14.85 -24.69
C THR A 430 -7.28 14.23 -25.15
N GLY A 431 -7.68 13.14 -24.53
CA GLY A 431 -8.88 12.39 -24.98
C GLY A 431 -8.67 11.50 -26.21
N TYR A 432 -7.41 11.32 -26.59
CA TYR A 432 -7.04 10.50 -27.74
C TYR A 432 -6.08 9.37 -27.39
N PRO A 433 -6.20 8.24 -28.12
CA PRO A 433 -7.27 8.01 -29.11
C PRO A 433 -8.56 7.77 -28.35
N VAL A 434 -9.70 7.94 -29.02
CA VAL A 434 -10.98 7.64 -28.41
C VAL A 434 -11.03 6.14 -28.15
N LEU A 435 -11.32 5.78 -26.91
CA LEU A 435 -11.35 4.38 -26.43
C LEU A 435 -12.74 3.74 -26.43
N PRO A 436 -12.80 2.42 -26.59
CA PRO A 436 -14.09 1.73 -26.55
C PRO A 436 -14.65 1.64 -25.11
N ILE A 437 -15.83 2.22 -24.93
CA ILE A 437 -16.49 2.31 -23.63
C ILE A 437 -17.94 1.90 -23.84
N ASN A 438 -18.38 0.96 -23.04
CA ASN A 438 -19.73 0.43 -23.15
C ASN A 438 -20.43 0.56 -21.79
N PRO A 439 -21.39 1.45 -21.69
CA PRO A 439 -22.19 1.71 -20.49
C PRO A 439 -22.69 0.42 -19.79
N ALA A 440 -23.13 -0.57 -20.57
CA ALA A 440 -23.65 -1.81 -19.99
C ALA A 440 -22.58 -2.71 -19.41
N THR A 441 -21.31 -2.48 -19.73
CA THR A 441 -20.23 -3.29 -19.15
C THR A 441 -19.21 -2.50 -18.31
N ASN A 442 -19.18 -1.18 -18.48
CA ASN A 442 -18.17 -0.36 -17.78
C ASN A 442 -18.44 -0.48 -16.26
N ARG A 443 -17.43 -0.94 -15.52
CA ARG A 443 -17.60 -1.15 -14.08
CA ARG A 443 -17.59 -1.16 -14.08
C ARG A 443 -17.16 0.06 -13.22
N ASN A 444 -16.78 1.16 -13.84
CA ASN A 444 -16.54 2.41 -13.13
C ASN A 444 -17.91 2.90 -12.61
N THR A 445 -17.92 3.66 -11.52
CA THR A 445 -19.19 4.21 -10.99
C THR A 445 -19.83 5.29 -11.86
N ASN A 447 -20.61 5.29 -15.73
CA ASN A 447 -20.74 4.41 -16.90
C ASN A 447 -20.09 4.79 -18.16
N ASP A 448 -19.91 6.10 -18.33
CA ASP A 448 -19.55 6.67 -19.61
C ASP A 448 -18.08 6.98 -19.74
N ARG A 449 -17.26 6.57 -18.78
CA ARG A 449 -15.86 7.02 -18.78
C ARG A 449 -14.95 6.13 -17.98
N LEU A 450 -13.66 6.34 -18.19
CA LEU A 450 -12.63 5.77 -17.33
C LEU A 450 -12.45 6.68 -16.11
N PRO A 451 -12.04 6.10 -14.97
CA PRO A 451 -11.57 6.90 -13.87
C PRO A 451 -10.38 7.74 -14.25
N ARG A 453 -8.26 9.29 -11.74
CA ARG A 453 -7.16 9.19 -10.77
C ARG A 453 -7.37 8.00 -9.85
N TRP A 454 -6.29 7.58 -9.20
CA TRP A 454 -6.39 6.65 -8.08
C TRP A 454 -6.58 7.37 -6.76
N TYR A 456 -5.72 7.84 -2.60
CA TYR A 456 -4.53 7.80 -1.78
C TYR A 456 -4.43 6.50 -0.98
N PRO A 457 -3.20 6.13 -0.57
CA PRO A 457 -3.02 4.93 0.25
C PRO A 457 -3.72 5.07 1.60
N LYS A 458 -4.21 3.96 2.13
CA LYS A 458 -4.85 4.01 3.44
C LYS A 458 -3.89 4.53 4.53
N SER A 459 -2.61 4.20 4.42
CA SER A 459 -1.64 4.67 5.40
C SER A 459 -1.64 6.21 5.62
N GLU A 460 -1.98 6.98 4.60
CA GLU A 460 -2.11 8.42 4.79
C GLU A 460 -3.24 8.89 5.70
N SER A 461 -4.40 8.22 5.67
CA SER A 461 -5.44 8.56 6.64
C SER A 461 -5.14 7.88 7.98
N ASP A 462 -4.29 6.84 8.00
CA ASP A 462 -3.85 6.27 9.29
C ASP A 462 -2.84 7.17 9.98
N TYR A 463 -1.90 7.75 9.27
CA TYR A 463 -0.80 8.49 9.97
C TYR A 463 -0.64 9.95 9.64
N ASN A 464 -1.37 10.47 8.66
CA ASN A 464 -1.20 11.86 8.24
C ASN A 464 -2.57 12.43 7.86
N LEU A 465 -3.58 12.10 8.65
CA LEU A 465 -4.97 12.41 8.31
C LEU A 465 -5.26 13.88 8.05
N GLU A 466 -4.71 14.74 8.91
CA GLU A 466 -5.02 16.16 8.87
C GLU A 466 -4.52 16.77 7.55
N HIS A 467 -3.29 16.44 7.19
CA HIS A 467 -2.70 16.99 5.99
C HIS A 467 -3.38 16.44 4.74
N GLN A 468 -3.71 15.15 4.77
CA GLN A 468 -4.42 14.55 3.67
C GLN A 468 -5.81 15.17 3.48
N ASN A 469 -6.52 15.38 4.59
CA ASN A 469 -7.85 15.97 4.52
C ASN A 469 -7.79 17.38 4.04
N GLU A 470 -6.78 18.17 4.43
CA GLU A 470 -6.61 19.53 3.86
C GLU A 470 -6.52 19.46 2.36
N ALA A 471 -5.78 18.47 1.87
CA ALA A 471 -5.57 18.34 0.44
C ALA A 471 -6.84 17.85 -0.26
N LEU A 472 -7.60 16.97 0.39
CA LEU A 472 -8.84 16.45 -0.20
C LEU A 472 -9.91 17.53 -0.25
N GLU A 473 -9.92 18.41 0.73
CA GLU A 473 -10.88 19.52 0.73
C GLU A 473 -10.55 20.53 -0.35
N ARG A 474 -9.26 20.84 -0.48
CA ARG A 474 -8.76 21.80 -1.49
C ARG A 474 -8.99 21.31 -2.90
N GLN A 475 -8.67 20.06 -3.18
CA GLN A 475 -8.78 19.53 -4.54
C GLN A 475 -10.21 19.14 -4.95
N PHE A 476 -10.93 18.48 -4.04
CA PHE A 476 -12.10 17.71 -4.42
C PHE A 476 -13.35 18.00 -3.62
N GLY A 477 -13.28 18.99 -2.73
CA GLY A 477 -14.36 19.22 -1.81
C GLY A 477 -14.49 18.15 -0.74
N GLY A 478 -13.43 17.39 -0.48
CA GLY A 478 -13.38 16.57 0.71
C GLY A 478 -13.34 15.06 0.51
N VAL A 479 -13.77 14.57 -0.65
CA VAL A 479 -13.83 13.12 -0.88
CA VAL A 479 -13.86 13.12 -0.92
C VAL A 479 -12.72 12.68 -1.82
N ASP A 480 -12.05 11.60 -1.44
CA ASP A 480 -11.04 10.90 -2.27
C ASP A 480 -11.78 10.03 -3.31
N ASP A 481 -11.92 10.57 -4.51
CA ASP A 481 -12.82 10.00 -5.54
C ASP A 481 -12.04 9.86 -6.86
N VAL A 482 -12.21 8.68 -7.48
CA VAL A 482 -11.55 8.31 -8.72
C VAL A 482 -12.07 9.04 -9.98
N ASN A 483 -13.27 9.63 -9.91
CA ASN A 483 -13.79 10.43 -11.00
C ASN A 483 -13.60 11.94 -10.81
N LYS A 484 -12.85 12.35 -9.81
CA LYS A 484 -12.52 13.75 -9.71
C LYS A 484 -11.27 14.09 -10.52
N LEU A 485 -11.23 15.34 -10.98
CA LEU A 485 -10.14 15.83 -11.78
C LEU A 485 -9.11 16.56 -10.94
N TRP A 487 -5.64 18.86 -10.53
CA TRP A 487 -5.35 20.20 -11.10
C TRP A 487 -4.81 20.23 -12.56
N ILE A 488 -3.86 19.38 -12.90
CA ILE A 488 -3.29 19.38 -14.27
C ILE A 488 -4.28 18.93 -15.33
N LEU A 489 -5.37 18.27 -14.92
CA LEU A 489 -6.45 17.90 -15.84
C LEU A 489 -7.59 18.90 -15.92
N GLN A 490 -7.59 19.91 -15.07
CA GLN A 490 -8.64 20.94 -15.10
C GLN A 490 -8.41 21.96 -16.19
C LYS B 19 18.15 16.73 12.20
N VAL B 20 18.89 15.63 11.99
CA VAL B 20 18.52 14.29 12.53
C VAL B 20 19.39 13.87 13.72
N THR B 21 18.77 13.61 14.87
CA THR B 21 19.49 13.15 16.06
C THR B 21 18.86 11.86 16.60
N SER B 22 19.59 11.15 17.45
CA SER B 22 19.06 9.92 18.03
C SER B 22 17.69 10.16 18.66
N SER B 23 17.64 11.21 19.48
CA SER B 23 16.44 11.58 20.19
CA SER B 23 16.43 11.54 20.21
C SER B 23 15.25 11.84 19.27
N LEU B 24 15.48 12.60 18.22
CA LEU B 24 14.37 12.92 17.30
C LEU B 24 13.88 11.67 16.55
N LEU B 25 14.81 10.80 16.15
CA LEU B 25 14.42 9.57 15.44
C LEU B 25 13.60 8.69 16.38
N ALA B 26 14.05 8.55 17.64
CA ALA B 26 13.29 7.85 18.66
C ALA B 26 11.82 8.35 18.74
N THR B 27 11.61 9.66 18.85
CA THR B 27 10.25 10.23 18.93
C THR B 27 9.39 9.75 17.75
N GLY B 28 9.93 9.80 16.53
CA GLY B 28 9.21 9.32 15.35
C GLY B 28 8.87 7.85 15.40
N LEU B 29 9.80 7.02 15.82
CA LEU B 29 9.47 5.59 15.90
C LEU B 29 8.38 5.34 16.95
N LEU B 30 8.43 6.07 18.06
CA LEU B 30 7.47 5.86 19.13
C LEU B 30 6.05 6.40 18.80
N LEU B 31 5.95 7.49 18.06
CA LEU B 31 4.64 8.01 17.63
C LEU B 31 4.03 7.05 16.61
N ASP B 32 4.87 6.44 15.79
CA ASP B 32 4.43 5.50 14.76
CA ASP B 32 4.42 5.51 14.76
C ASP B 32 3.70 4.32 15.40
N ILE B 33 4.34 3.76 16.44
CA ILE B 33 3.84 2.64 17.23
CA ILE B 33 3.84 2.62 17.21
C ILE B 33 2.63 3.00 18.10
N THR B 34 2.51 4.27 18.49
CA THR B 34 1.45 4.66 19.44
C THR B 34 0.26 5.53 18.98
N SER B 35 0.31 6.10 17.79
CA SER B 35 -0.77 6.98 17.35
C SER B 35 -1.99 6.22 16.85
N SER B 36 -3.13 6.91 16.84
CA SER B 36 -4.33 6.39 16.24
C SER B 36 -4.83 7.42 15.26
N SER B 37 -5.73 6.99 14.37
CA SER B 37 -6.36 7.85 13.39
C SER B 37 -7.63 8.44 13.92
N ALA B 38 -7.80 9.75 13.69
CA ALA B 38 -9.00 10.46 14.14
C ALA B 38 -10.12 10.31 13.11
N SER B 39 -10.39 9.09 12.74
CA SER B 39 -11.26 8.77 11.63
C SER B 39 -11.82 7.38 11.85
N LYS B 40 -12.66 6.96 10.92
CA LYS B 40 -13.43 5.72 10.96
CA LYS B 40 -13.43 5.74 11.12
C LYS B 40 -12.56 4.49 11.23
N SER B 41 -11.34 4.51 10.70
CA SER B 41 -10.43 3.36 10.84
C SER B 41 -9.99 2.98 12.27
N PHE B 42 -10.08 3.91 13.20
CA PHE B 42 -9.94 3.69 14.65
C PHE B 42 -10.83 2.51 15.10
N ILE B 43 -12.02 2.40 14.53
CA ILE B 43 -12.97 1.38 14.93
C ILE B 43 -13.10 0.18 13.95
N TYR B 44 -12.21 0.06 12.97
CA TYR B 44 -12.29 -1.08 12.03
C TYR B 44 -12.08 -2.37 12.85
N ASP B 45 -11.14 -2.30 13.80
CA ASP B 45 -10.80 -3.47 14.62
C ASP B 45 -11.90 -3.81 15.64
N GLU B 46 -12.65 -2.80 16.09
CA GLU B 46 -13.85 -3.03 16.87
C GLU B 46 -14.93 -3.70 16.03
N LEU B 47 -15.07 -3.28 14.77
CA LEU B 47 -16.03 -3.89 13.84
C LEU B 47 -15.63 -5.35 13.53
N LEU B 48 -14.35 -5.53 13.27
CA LEU B 48 -13.82 -6.87 13.03
C LEU B 48 -14.16 -7.82 14.18
N ALA B 49 -13.83 -7.39 15.39
CA ALA B 49 -14.03 -8.19 16.60
C ALA B 49 -15.50 -8.20 17.11
N LYS B 50 -16.39 -7.60 16.31
CA LYS B 50 -17.82 -7.57 16.54
C LYS B 50 -18.28 -6.87 17.83
N GLN B 51 -17.50 -5.91 18.30
CA GLN B 51 -17.79 -5.16 19.52
C GLN B 51 -18.75 -4.03 19.23
N ALA B 53 -21.42 -2.30 15.70
CA ALA B 53 -21.86 -2.15 14.34
C ALA B 53 -21.78 -0.66 13.97
N TRP B 54 -21.90 -0.37 12.67
CA TRP B 54 -21.73 0.99 12.13
C TRP B 54 -22.97 1.37 11.34
N GLY B 55 -23.66 2.44 11.72
CA GLY B 55 -24.94 2.77 11.11
C GLY B 55 -24.91 3.56 9.79
N GLU B 56 -23.75 4.14 9.47
CA GLU B 56 -23.58 4.97 8.27
C GLU B 56 -23.78 4.17 6.98
N SER B 57 -23.12 3.01 6.92
CA SER B 57 -22.99 2.24 5.68
C SER B 57 -22.52 0.83 5.98
N GLU B 59 -20.07 -1.79 6.25
CA GLU B 59 -18.62 -1.72 6.35
C GLU B 59 -17.97 -3.08 6.11
N ASP B 60 -16.93 -3.07 5.29
CA ASP B 60 -16.18 -4.31 5.03
C ASP B 60 -15.77 -5.01 6.33
N TYR B 61 -15.33 -4.28 7.34
CA TYR B 61 -14.84 -4.96 8.55
C TYR B 61 -15.98 -5.49 9.44
N GLN B 62 -17.17 -4.91 9.33
CA GLN B 62 -18.33 -5.45 10.00
C GLN B 62 -18.73 -6.78 9.36
N TYR B 63 -18.70 -6.83 8.04
CA TYR B 63 -19.16 -8.04 7.34
C TYR B 63 -18.07 -8.98 6.83
N ASN B 64 -16.84 -8.77 7.32
CA ASN B 64 -15.73 -9.74 7.19
C ASN B 64 -15.04 -9.88 5.82
N VAL B 65 -14.80 -8.74 5.20
CA VAL B 65 -14.20 -8.61 3.89
C VAL B 65 -12.76 -8.11 4.08
N PHE B 66 -11.77 -8.94 3.76
CA PHE B 66 -10.33 -8.54 3.84
C PHE B 66 -9.77 -8.35 2.44
N GLY B 67 -8.87 -7.39 2.29
CA GLY B 67 -8.02 -7.28 1.14
C GLY B 67 -6.56 -7.44 1.54
N ARG B 68 -5.72 -6.55 1.03
CA ARG B 68 -4.29 -6.63 1.22
C ARG B 68 -3.90 -5.73 2.39
N SER B 69 -2.83 -6.10 3.07
CA SER B 69 -2.20 -5.23 4.05
C SER B 69 -0.95 -4.60 3.45
N GLY B 70 -0.07 -4.03 4.26
CA GLY B 70 1.10 -3.35 3.72
C GLY B 70 2.42 -3.75 4.35
N PHE B 71 3.48 -3.29 3.68
CA PHE B 71 4.85 -3.46 4.15
C PHE B 71 5.47 -2.17 4.61
N GLY B 72 4.60 -1.18 4.86
CA GLY B 72 5.01 0.12 5.44
C GLY B 72 5.92 0.05 6.66
N GLY B 73 5.71 -0.95 7.50
CA GLY B 73 6.48 -1.13 8.71
C GLY B 73 7.98 -1.31 8.55
N TYR B 74 8.41 -1.82 7.39
CA TYR B 74 9.86 -1.98 7.13
C TYR B 74 10.60 -0.67 6.96
N THR B 75 9.89 0.39 6.60
CA THR B 75 10.51 1.69 6.45
C THR B 75 11.16 2.16 7.79
N THR B 76 10.72 1.64 8.93
CA THR B 76 11.32 1.97 10.23
C THR B 76 12.77 1.46 10.41
N LEU B 77 13.16 0.43 9.65
CA LEU B 77 14.44 -0.21 9.85
C LEU B 77 15.58 0.72 9.61
N ILE B 78 15.52 1.49 8.52
CA ILE B 78 16.59 2.44 8.22
CA ILE B 78 16.59 2.43 8.22
C ILE B 78 16.66 3.53 9.29
N ASN B 79 15.50 4.04 9.68
CA ASN B 79 15.44 5.10 10.69
C ASN B 79 16.02 4.65 12.03
N ALA B 80 15.73 3.40 12.42
CA ALA B 80 16.26 2.79 13.65
C ALA B 80 17.78 2.60 13.58
N GLN B 81 18.28 2.26 12.40
CA GLN B 81 19.73 2.13 12.24
C GLN B 81 20.38 3.50 12.33
N LYS B 82 19.81 4.51 11.65
CA LYS B 82 20.34 5.87 11.74
C LYS B 82 20.39 6.35 13.19
N VAL B 84 20.74 4.50 16.04
CA VAL B 84 21.85 3.89 16.73
C VAL B 84 23.17 4.54 16.28
N GLU B 85 23.39 4.65 14.98
CA GLU B 85 24.65 5.20 14.45
C GLU B 85 24.90 6.65 14.89
N SER B 86 23.86 7.42 15.14
CA SER B 86 23.98 8.81 15.53
C SER B 86 24.23 9.04 17.01
N VAL B 87 24.37 7.98 17.82
CA VAL B 87 24.54 8.15 19.26
C VAL B 87 25.90 8.77 19.48
N SER B 88 25.96 9.92 20.14
CA SER B 88 27.21 10.63 20.30
C SER B 88 27.69 10.63 21.76
N ASP B 89 26.90 10.10 22.68
CA ASP B 89 27.41 9.86 24.04
C ASP B 89 27.81 8.39 24.22
N ASP B 90 27.94 7.94 25.47
CA ASP B 90 28.27 6.55 25.73
C ASP B 90 27.03 5.65 25.98
N ASN B 91 25.82 6.22 25.82
CA ASN B 91 24.56 5.50 26.02
C ASN B 91 23.97 4.82 24.77
N VAL B 92 24.82 4.27 23.91
CA VAL B 92 24.28 3.63 22.68
C VAL B 92 23.31 2.49 23.01
N ASN B 93 23.51 1.83 24.13
CA ASN B 93 22.69 0.64 24.44
C ASN B 93 21.18 0.95 24.61
N ALA B 94 20.86 2.16 25.05
CA ALA B 94 19.47 2.61 25.24
C ALA B 94 18.75 2.62 23.89
N TYR B 95 19.40 3.24 22.93
CA TYR B 95 18.84 3.38 21.60
C TYR B 95 18.85 2.09 20.81
N ASP B 96 19.89 1.28 20.99
CA ASP B 96 19.99 -0.02 20.36
C ASP B 96 18.85 -0.93 20.90
N GLY B 97 18.65 -0.91 22.22
CA GLY B 97 17.50 -1.59 22.84
C GLY B 97 16.18 -1.15 22.20
N LEU B 98 16.02 0.15 22.04
CA LEU B 98 14.79 0.64 21.43
C LEU B 98 14.68 0.16 19.99
N ALA B 99 15.80 0.22 19.26
CA ALA B 99 15.86 -0.24 17.86
C ALA B 99 15.42 -1.70 17.72
N HIS B 100 15.91 -2.54 18.65
CA HIS B 100 15.58 -3.96 18.64
C HIS B 100 14.14 -4.22 19.01
N PHE B 101 13.63 -3.46 19.97
CA PHE B 101 12.25 -3.57 20.40
C PHE B 101 11.32 -3.15 19.25
N ILE B 102 11.62 -2.01 18.60
CA ILE B 102 10.76 -1.52 17.51
C ILE B 102 10.76 -2.43 16.30
N LYS B 103 11.93 -2.95 15.95
CA LYS B 103 12.05 -3.87 14.85
C LYS B 103 11.19 -5.08 15.10
N ALA B 104 11.34 -5.68 16.29
CA ALA B 104 10.58 -6.90 16.63
C ALA B 104 9.06 -6.62 16.63
N TYR B 105 8.69 -5.45 17.13
CA TYR B 105 7.31 -5.05 17.29
C TYR B 105 6.68 -4.87 15.90
N LYS B 106 7.36 -4.10 15.03
CA LYS B 106 6.85 -3.84 13.68
C LYS B 106 6.68 -5.12 12.85
N ILE B 107 7.69 -5.95 12.88
CA ILE B 107 7.64 -7.20 12.11
C ILE B 107 6.69 -8.25 12.68
N PHE B 108 6.59 -8.35 14.00
CA PHE B 108 5.59 -9.21 14.60
C PHE B 108 4.21 -8.92 14.01
N TYR B 109 3.82 -7.67 14.04
CA TYR B 109 2.45 -7.32 13.59
C TYR B 109 2.26 -7.53 12.06
N SER B 111 3.83 -9.89 10.35
CA SER B 111 3.72 -11.34 10.23
C SER B 111 2.35 -11.85 10.72
N GLU B 113 -0.38 -10.29 10.51
CA GLU B 113 -1.31 -9.90 9.43
C GLU B 113 -1.27 -10.86 8.25
N GLY B 115 1.72 -13.56 7.41
CA GLY B 115 2.44 -14.84 7.47
C GLY B 115 3.95 -14.68 7.28
N ASP B 116 4.53 -15.50 6.39
CA ASP B 116 5.95 -15.41 6.11
C ASP B 116 6.28 -14.02 5.54
N LEU B 117 7.52 -13.59 5.74
CA LEU B 117 7.95 -12.29 5.22
C LEU B 117 9.43 -12.14 5.49
N PRO B 118 10.07 -11.19 4.83
CA PRO B 118 11.51 -10.95 5.07
C PRO B 118 11.84 -10.54 6.49
N TYR B 119 12.98 -11.04 6.97
CA TYR B 119 13.50 -10.67 8.25
C TYR B 119 15.00 -10.43 8.06
N GLU B 120 15.78 -11.52 7.86
CA GLU B 120 17.25 -11.43 7.69
C GLU B 120 17.67 -10.40 6.64
N GLU B 121 17.00 -10.40 5.49
CA GLU B 121 17.35 -9.49 4.39
C GLU B 121 16.50 -8.22 4.32
N ALA B 122 15.72 -7.94 5.36
CA ALA B 122 14.77 -6.83 5.30
C ALA B 122 15.46 -5.49 5.14
N LEU B 123 16.47 -5.18 5.96
CA LEU B 123 17.19 -3.87 5.82
C LEU B 123 17.84 -3.72 4.42
N GLN B 124 18.55 -4.77 3.98
CA GLN B 124 19.15 -4.77 2.63
C GLN B 124 18.10 -4.49 1.54
N GLY B 125 16.92 -5.05 1.72
CA GLY B 125 15.81 -4.85 0.80
C GLY B 125 15.40 -3.41 0.79
N GLU B 126 15.34 -2.79 1.97
CA GLU B 126 14.87 -1.41 2.03
C GLU B 126 15.85 -0.45 1.34
N LEU B 127 17.15 -0.76 1.43
CA LEU B 127 18.22 0.05 0.84
C LEU B 127 18.33 -0.20 -0.66
N GLY B 128 17.58 -1.18 -1.16
CA GLY B 128 17.60 -1.54 -2.57
C GLY B 128 18.81 -2.35 -3.02
N LEU B 129 19.51 -2.98 -2.06
CA LEU B 129 20.68 -3.83 -2.34
C LEU B 129 20.35 -5.28 -2.75
N VAL B 130 19.13 -5.73 -2.46
CA VAL B 130 18.66 -7.08 -2.78
C VAL B 130 17.14 -7.06 -2.91
N ARG B 131 16.65 -8.05 -3.63
CA ARG B 131 15.26 -8.47 -3.55
C ARG B 131 15.15 -9.42 -2.40
N PRO B 132 14.50 -9.02 -1.29
CA PRO B 132 14.75 -9.82 -0.09
C PRO B 132 13.97 -11.13 -0.05
N LYS B 133 14.61 -12.21 0.39
CA LYS B 133 13.94 -13.48 0.56
C LYS B 133 12.98 -13.45 1.73
N TYR B 134 11.92 -14.25 1.63
CA TYR B 134 10.96 -14.38 2.71
C TYR B 134 11.44 -15.46 3.68
N ASN B 135 11.56 -15.11 4.95
CA ASN B 135 11.79 -16.12 5.97
C ASN B 135 10.48 -16.83 6.26
N THR B 136 10.56 -18.09 6.68
CA THR B 136 9.35 -18.83 7.11
C THR B 136 8.83 -18.19 8.38
N GLN B 137 7.53 -18.25 8.62
CA GLN B 137 6.96 -17.63 9.83
C GLN B 137 7.61 -18.20 11.08
N LYS B 138 7.88 -19.50 11.08
CA LYS B 138 8.60 -20.07 12.20
C LYS B 138 9.94 -19.32 12.44
N GLU B 139 10.69 -19.09 11.39
CA GLU B 139 11.97 -18.36 11.50
C GLU B 139 11.81 -16.94 11.98
N VAL B 140 10.77 -16.27 11.48
CA VAL B 140 10.44 -14.89 11.82
C VAL B 140 10.18 -14.80 13.31
N ASN B 142 11.05 -16.97 15.68
CA ASN B 142 12.32 -17.18 16.38
C ASN B 142 13.25 -15.92 16.37
N PHE B 143 13.33 -15.19 15.24
CA PHE B 143 14.13 -14.00 15.17
C PHE B 143 13.57 -12.87 16.05
N ILE B 144 12.24 -12.77 16.10
CA ILE B 144 11.55 -11.76 16.94
C ILE B 144 11.88 -11.99 18.42
N LEU B 145 11.71 -13.23 18.86
CA LEU B 145 12.03 -13.60 20.23
C LEU B 145 13.52 -13.33 20.55
N SER B 146 14.40 -13.64 19.60
CA SER B 146 15.84 -13.35 19.78
C SER B 146 16.06 -11.83 19.90
N ASP B 147 15.36 -11.05 19.09
CA ASP B 147 15.63 -9.60 19.06
C ASP B 147 15.12 -8.96 20.37
N LEU B 148 14.06 -9.52 20.94
CA LEU B 148 13.53 -9.06 22.22
C LEU B 148 14.44 -9.42 23.39
N GLU B 149 15.02 -10.62 23.36
CA GLU B 149 16.06 -10.98 24.32
C GLU B 149 17.18 -9.97 24.28
N THR B 150 17.62 -9.61 23.06
CA THR B 150 18.73 -8.69 22.91
C THR B 150 18.30 -7.32 23.46
N ALA B 151 17.06 -6.93 23.15
CA ALA B 151 16.46 -5.65 23.65
C ALA B 151 16.48 -5.62 25.16
N TYR B 152 16.00 -6.71 25.74
CA TYR B 152 16.02 -6.81 27.19
C TYR B 152 17.45 -6.64 27.80
N GLU B 153 18.46 -7.30 27.25
CA GLU B 153 19.82 -7.20 27.81
CA GLU B 153 19.83 -7.20 27.79
C GLU B 153 20.40 -5.80 27.59
N LEU B 154 20.11 -5.21 26.42
CA LEU B 154 20.52 -3.87 26.11
C LEU B 154 19.95 -2.80 27.08
N PHE B 155 18.63 -2.78 27.23
CA PHE B 155 18.00 -1.88 28.20
C PHE B 155 18.55 -2.13 29.61
N SER B 156 18.68 -3.39 29.99
CA SER B 156 19.10 -3.73 31.33
C SER B 156 20.44 -3.11 31.65
N THR B 157 21.26 -2.89 30.64
CA THR B 157 22.60 -2.37 30.88
C THR B 157 22.79 -0.98 30.25
N ALA B 158 21.73 -0.20 30.28
CA ALA B 158 21.75 1.16 29.74
C ALA B 158 21.28 2.20 30.79
N LYS B 159 21.36 3.46 30.41
CA LYS B 159 20.93 4.56 31.25
CA LYS B 159 20.94 4.59 31.24
C LYS B 159 19.72 5.22 30.59
N ASP B 160 18.99 6.02 31.33
CA ASP B 160 17.78 6.68 30.79
C ASP B 160 18.15 7.56 29.58
N PHE B 161 17.21 7.72 28.65
CA PHE B 161 17.46 8.43 27.42
C PHE B 161 16.36 9.41 27.05
N ASP B 162 16.68 10.26 26.08
CA ASP B 162 15.84 11.34 25.63
C ASP B 162 15.09 10.95 24.36
N GLY B 163 13.94 11.58 24.18
CA GLY B 163 13.18 11.49 22.92
C GLY B 163 12.01 10.55 22.99
N ASP B 164 11.74 10.03 24.19
CA ASP B 164 10.64 9.10 24.39
C ASP B 164 9.48 9.77 25.16
N PRO B 165 8.43 10.18 24.45
CA PRO B 165 7.30 10.79 25.12
C PRO B 165 6.30 9.78 25.69
N ILE B 166 6.56 8.50 25.57
CA ILE B 166 5.57 7.48 26.00
C ILE B 166 5.96 6.88 27.36
N LEU B 167 7.22 6.47 27.48
CA LEU B 167 7.72 5.90 28.74
C LEU B 167 8.82 6.73 29.40
N GLY B 168 9.01 7.95 28.94
CA GLY B 168 9.94 8.87 29.60
C GLY B 168 11.39 8.53 29.40
N GLY B 169 11.68 7.55 28.57
CA GLY B 169 13.06 7.10 28.40
C GLY B 169 13.56 6.38 29.62
N SER B 170 12.64 5.91 30.45
CA SER B 170 12.99 5.25 31.72
C SER B 170 13.35 3.78 31.49
N ILE B 171 14.58 3.42 31.82
CA ILE B 171 15.06 2.05 31.63
C ILE B 171 14.18 1.04 32.35
N SER B 172 13.77 1.35 33.58
CA SER B 172 12.93 0.44 34.34
C SER B 172 11.61 0.16 33.60
N LYS B 173 11.08 1.19 32.95
CA LYS B 173 9.85 1.05 32.16
C LYS B 173 10.09 0.27 30.90
N TRP B 174 11.25 0.49 30.26
CA TRP B 174 11.58 -0.23 29.01
C TRP B 174 11.87 -1.69 29.22
N LYS B 175 12.48 -2.04 30.35
CA LYS B 175 12.67 -3.45 30.69
C LYS B 175 11.32 -4.14 30.84
N LYS B 176 10.36 -3.46 31.50
CA LYS B 176 8.99 -3.93 31.62
C LYS B 176 8.25 -4.06 30.29
N ALA B 177 8.32 -3.02 29.44
CA ALA B 177 7.70 -3.09 28.09
C ALA B 177 8.26 -4.28 27.29
N THR B 178 9.56 -4.55 27.41
CA THR B 178 10.20 -5.62 26.62
C THR B 178 9.65 -6.95 27.12
N THR B 179 9.65 -7.14 28.44
CA THR B 179 9.09 -8.35 29.06
C THR B 179 7.65 -8.58 28.68
N ALA B 180 6.83 -7.52 28.79
CA ALA B 180 5.42 -7.61 28.47
C ALA B 180 5.19 -8.06 27.04
N PHE B 181 6.00 -7.52 26.13
CA PHE B 181 5.81 -7.83 24.73
C PHE B 181 6.27 -9.27 24.47
N GLN B 182 7.35 -9.70 25.14
CA GLN B 182 7.81 -11.07 25.04
C GLN B 182 6.72 -12.05 25.47
N LEU B 183 5.99 -11.76 26.55
CA LEU B 183 4.92 -12.64 27.03
C LEU B 183 3.75 -12.67 26.08
N LYS B 184 3.46 -11.52 25.47
CA LYS B 184 2.39 -11.41 24.50
C LYS B 184 2.69 -12.24 23.25
N VAL B 185 3.85 -12.00 22.69
CA VAL B 185 4.33 -12.81 21.55
C VAL B 185 4.27 -14.30 21.84
N LEU B 186 4.82 -14.72 22.98
CA LEU B 186 4.83 -16.15 23.34
C LEU B 186 3.43 -16.70 23.50
N HIS B 188 0.82 -15.57 21.89
CA HIS B 188 0.36 -15.67 20.52
C HIS B 188 0.87 -16.89 19.76
N LEU B 189 1.88 -17.56 20.32
CA LEU B 189 2.40 -18.82 19.82
C LEU B 189 1.81 -20.06 20.54
N SER B 190 0.66 -19.92 21.22
CA SER B 190 0.12 -21.03 22.05
C SER B 190 -0.15 -22.30 21.26
N LYS B 191 -0.60 -22.13 20.02
CA LYS B 191 -0.92 -23.27 19.18
C LYS B 191 0.36 -24.00 18.78
N LYS B 192 1.49 -23.34 18.95
CA LYS B 192 2.79 -23.93 18.66
C LYS B 192 3.51 -24.40 19.92
N GLU B 193 2.75 -24.68 20.99
CA GLU B 193 3.34 -25.15 22.25
C GLU B 193 4.19 -26.45 22.07
N SER B 194 3.81 -27.32 21.12
CA SER B 194 4.53 -28.57 20.84
C SER B 194 5.79 -28.45 20.02
N ASP B 195 5.99 -27.31 19.36
CA ASP B 195 7.16 -27.13 18.55
C ASP B 195 8.44 -27.28 19.38
N ALA B 196 9.26 -28.28 19.03
CA ALA B 196 10.51 -28.57 19.73
C ALA B 196 11.54 -27.45 19.64
N ASP B 197 11.48 -26.63 18.60
CA ASP B 197 12.47 -25.56 18.37
C ASP B 197 12.13 -24.22 19.04
N LEU B 198 10.85 -23.81 19.00
CA LEU B 198 10.48 -22.51 19.55
C LEU B 198 10.47 -22.49 21.09
N LYS B 199 10.27 -23.65 21.69
CA LYS B 199 10.33 -23.82 23.14
C LYS B 199 9.50 -22.77 23.83
N VAL B 200 8.25 -22.60 23.36
CA VAL B 200 7.38 -21.51 23.77
C VAL B 200 7.12 -21.54 25.29
N LYS B 201 6.72 -22.70 25.79
CA LYS B 201 6.39 -22.83 27.22
C LYS B 201 7.59 -22.56 28.15
N GLU B 202 8.75 -23.10 27.80
CA GLU B 202 9.95 -22.92 28.61
C GLU B 202 10.42 -21.47 28.62
N ARG B 203 10.43 -20.86 27.43
CA ARG B 203 10.76 -19.46 27.27
C ARG B 203 9.83 -18.55 28.06
N PHE B 204 8.53 -18.80 27.98
CA PHE B 204 7.56 -18.00 28.74
C PHE B 204 7.80 -18.08 30.25
N ALA B 205 8.00 -19.30 30.74
CA ALA B 205 8.22 -19.51 32.16
C ALA B 205 9.53 -18.83 32.64
N ARG B 206 10.59 -18.86 31.82
CA ARG B 206 11.88 -18.24 32.16
C ARG B 206 11.77 -16.72 32.20
N ILE B 207 10.99 -16.16 31.29
CA ILE B 207 10.73 -14.72 31.28
C ILE B 207 9.96 -14.30 32.51
N VAL B 208 8.92 -15.05 32.88
CA VAL B 208 8.21 -14.75 34.14
C VAL B 208 9.18 -14.85 35.36
N ALA B 209 10.15 -15.76 35.32
CA ALA B 209 11.14 -15.90 36.40
C ALA B 209 12.25 -14.82 36.38
N SER B 210 12.69 -14.44 35.19
CA SER B 210 13.88 -13.65 35.05
C SER B 210 13.63 -12.23 34.56
N GLY B 211 12.45 -11.94 34.00
CA GLY B 211 12.20 -10.62 33.39
C GLY B 211 11.66 -9.55 34.34
N SER B 212 11.14 -8.47 33.76
CA SER B 212 10.56 -7.40 34.59
C SER B 212 9.03 -7.32 34.44
N LEU B 213 8.30 -7.93 35.36
CA LEU B 213 6.84 -7.89 35.32
C LEU B 213 6.36 -6.49 35.68
N GLU B 215 3.97 -3.78 37.47
CA GLU B 215 3.55 -3.64 38.86
C GLU B 215 2.27 -2.88 39.04
N SER B 216 1.92 -2.00 38.11
CA SER B 216 0.59 -1.41 38.13
C SER B 216 0.29 -0.81 36.79
N ASN B 217 -0.93 -0.25 36.65
CA ASN B 217 -1.28 0.51 35.47
C ASN B 217 -0.33 1.67 35.12
N GLU B 218 0.42 2.15 36.10
CA GLU B 218 1.44 3.20 35.84
C GLU B 218 2.59 2.76 34.93
N ASP B 219 2.73 1.44 34.74
CA ASP B 219 3.70 0.88 33.80
C ASP B 219 3.23 0.74 32.34
N ASN B 220 1.95 1.03 32.04
CA ASN B 220 1.43 0.84 30.69
C ASN B 220 2.19 1.65 29.65
N LEU B 221 2.44 1.02 28.51
CA LEU B 221 2.90 1.69 27.31
C LEU B 221 1.63 2.04 26.54
N GLN B 222 1.30 3.33 26.60
CA GLN B 222 0.04 3.86 26.09
C GLN B 222 0.22 5.33 25.66
N LYS B 224 -1.56 8.81 26.24
CA LYS B 224 -2.49 9.69 26.97
C LYS B 224 -2.79 10.89 26.15
N TYR B 225 -3.96 11.49 26.36
CA TYR B 225 -4.34 12.63 25.57
C TYR B 225 -4.56 13.86 26.43
N ALA B 226 -4.49 15.03 25.78
CA ALA B 226 -4.83 16.33 26.34
C ALA B 226 -3.91 16.70 27.52
N ALA B 229 -0.35 16.91 25.73
CA ALA B 229 -0.48 18.31 26.08
C ALA B 229 -1.56 18.97 25.22
N ASN B 230 -1.20 19.40 24.02
CA ASN B 230 -2.17 20.05 23.10
C ASN B 230 -2.73 19.06 22.04
N THR B 231 -3.36 17.98 22.51
CA THR B 231 -4.05 17.01 21.66
C THR B 231 -5.43 16.62 22.23
N VAL B 232 -6.18 15.80 21.50
CA VAL B 232 -7.41 15.26 22.03
C VAL B 232 -7.56 13.81 21.58
N TYR B 233 -8.37 13.04 22.30
CA TYR B 233 -8.72 11.67 21.99
C TYR B 233 -9.20 11.55 20.54
N PRO B 234 -8.86 10.45 19.86
CA PRO B 234 -9.16 10.43 18.44
C PRO B 234 -10.63 10.63 18.09
N PHE B 235 -11.54 10.20 18.97
CA PHE B 235 -12.95 10.30 18.63
C PHE B 235 -13.66 11.47 19.28
N HIS B 236 -12.86 12.41 19.80
CA HIS B 236 -13.40 13.64 20.33
C HIS B 236 -14.14 14.43 19.24
N ASN B 237 -15.17 15.16 19.62
CA ASN B 237 -16.01 15.77 18.60
C ASN B 237 -15.27 16.86 17.80
N THR B 238 -14.17 17.41 18.34
CA THR B 238 -13.35 18.34 17.55
C THR B 238 -12.54 17.66 16.45
N ASN B 239 -12.36 16.34 16.55
CA ASN B 239 -11.57 15.53 15.59
C ASN B 239 -12.34 14.79 14.53
N THR B 240 -13.60 14.49 14.80
CA THR B 240 -14.37 13.61 13.90
C THR B 240 -15.85 13.91 14.08
N LYS B 241 -16.61 13.74 13.02
CA LYS B 241 -18.06 13.94 13.05
C LYS B 241 -18.77 12.57 12.90
N HIS B 242 -18.02 11.47 13.04
CA HIS B 242 -18.53 10.14 12.69
C HIS B 242 -18.81 9.19 13.87
N ALA B 243 -18.32 9.52 15.08
CA ALA B 243 -18.46 8.62 16.26
C ALA B 243 -19.93 8.29 16.58
N GLY B 244 -20.81 9.24 16.27
CA GLY B 244 -22.26 9.06 16.32
C GLY B 244 -22.87 7.91 15.52
N TYR B 245 -22.10 7.31 14.60
CA TYR B 245 -22.58 6.09 13.91
C TYR B 245 -22.31 4.78 14.64
N ALA B 246 -21.59 4.82 15.76
CA ALA B 246 -21.26 3.60 16.51
C ALA B 246 -22.46 3.09 17.30
N LEU B 248 -23.14 0.07 19.88
CA LEU B 248 -22.43 -0.91 20.69
C LEU B 248 -23.12 -2.25 20.54
N SER B 249 -22.30 -3.29 20.34
CA SER B 249 -22.75 -4.64 20.04
C SER B 249 -23.40 -5.35 21.21
N THR B 250 -24.24 -6.34 20.86
CA THR B 250 -24.74 -7.31 21.82
C THR B 250 -23.60 -8.05 22.52
N LEU B 252 -21.02 -6.78 23.73
CA LEU B 252 -20.76 -6.04 24.95
C LEU B 252 -22.00 -6.02 25.86
N ILE B 253 -23.09 -5.44 25.36
CA ILE B 253 -24.25 -5.12 26.21
C ILE B 253 -24.84 -6.37 26.89
N ASP B 254 -25.05 -7.43 26.12
CA ASP B 254 -25.66 -8.65 26.65
C ASP B 254 -24.76 -9.35 27.68
N LYS B 255 -23.46 -9.40 27.42
CA LYS B 255 -22.53 -9.99 28.39
C LYS B 255 -22.52 -9.17 29.69
N PHE B 256 -22.59 -7.86 29.56
CA PHE B 256 -22.55 -6.98 30.71
C PHE B 256 -23.79 -7.17 31.58
N LYS B 257 -24.94 -7.20 30.91
CA LYS B 257 -26.18 -7.45 31.61
C LYS B 257 -26.20 -8.82 32.30
N ALA B 258 -25.80 -9.87 31.60
CA ALA B 258 -25.80 -11.23 32.20
C ALA B 258 -24.97 -11.32 33.45
N THR B 259 -23.98 -10.47 33.61
CA THR B 259 -23.07 -10.56 34.77
C THR B 259 -23.13 -9.34 35.68
N GLY B 260 -24.12 -8.46 35.50
CA GLY B 260 -24.20 -7.25 36.32
C GLY B 260 -22.91 -6.43 36.27
N ASP B 261 -22.35 -6.28 35.09
CA ASP B 261 -21.03 -5.64 34.93
C ASP B 261 -21.27 -4.16 34.67
N ILE B 262 -21.02 -3.33 35.68
CA ILE B 262 -21.28 -1.86 35.53
C ILE B 262 -20.43 -1.13 34.49
N ARG B 263 -19.43 -1.79 33.92
CA ARG B 263 -18.64 -1.16 32.84
C ARG B 263 -19.58 -0.81 31.65
N PHE B 265 -22.19 0.90 31.76
CA PHE B 265 -22.59 2.30 31.92
C PHE B 265 -21.50 3.26 31.54
N TYR B 266 -20.24 2.80 31.58
CA TYR B 266 -19.05 3.59 31.19
C TYR B 266 -18.69 3.51 29.69
N TYR B 267 -19.16 2.46 29.03
CA TYR B 267 -18.85 2.18 27.63
C TYR B 267 -19.95 2.74 26.70
N ALA B 268 -21.21 2.66 27.15
CA ALA B 268 -22.38 3.11 26.39
C ALA B 268 -23.04 4.37 26.91
N LYS B 269 -23.94 4.90 26.09
CA LYS B 269 -24.99 5.80 26.56
C LYS B 269 -26.34 5.17 26.25
N PRO B 270 -27.38 5.64 26.92
CA PRO B 270 -28.70 5.13 26.68
C PRO B 270 -29.17 5.21 25.23
N ALA B 271 -29.99 4.25 24.84
CA ALA B 271 -30.66 4.28 23.56
C ALA B 271 -31.66 5.42 23.64
N LYS B 272 -31.61 6.35 22.68
CA LYS B 272 -32.49 7.50 22.71
C LYS B 272 -33.95 7.07 22.67
N ALA B 273 -34.26 6.01 21.92
CA ALA B 273 -35.61 5.48 21.89
C ALA B 273 -36.08 5.05 23.29
N LYS B 274 -35.17 4.61 24.15
CA LYS B 274 -35.52 4.40 25.57
C LYS B 274 -35.63 5.73 26.36
N LEU B 275 -34.74 6.69 26.12
CA LEU B 275 -34.86 7.98 26.83
C LEU B 275 -36.17 8.70 26.45
N ASN B 276 -36.67 8.48 25.23
CA ASN B 276 -37.95 9.00 24.78
C ASN B 276 -39.14 8.29 25.42
N GLU B 277 -38.97 7.04 25.82
CA GLU B 277 -40.04 6.30 26.53
C GLU B 277 -40.10 6.63 28.03
N GLY B 278 -39.22 7.51 28.51
CA GLY B 278 -39.08 7.75 29.94
C GLY B 278 -38.43 6.61 30.71
N VAL B 279 -37.45 5.95 30.09
CA VAL B 279 -36.53 5.05 30.82
C VAL B 279 -35.34 5.91 31.25
N THR B 280 -34.83 5.69 32.46
CA THR B 280 -33.73 6.53 32.94
C THR B 280 -32.36 5.92 32.70
N ALA B 281 -31.38 6.81 32.64
CA ALA B 281 -29.99 6.47 32.31
C ALA B 281 -29.36 5.44 33.25
N ASP B 282 -29.84 5.38 34.50
CA ASP B 282 -29.32 4.41 35.46
C ASP B 282 -29.97 3.03 35.36
N SER B 283 -31.02 2.90 34.54
CA SER B 283 -31.67 1.60 34.37
CA SER B 283 -31.69 1.61 34.35
C SER B 283 -30.94 0.75 33.33
N TRP B 284 -30.77 -0.53 33.63
CA TRP B 284 -30.16 -1.46 32.70
C TRP B 284 -30.97 -1.54 31.39
N ASP B 285 -32.29 -1.35 31.50
CA ASP B 285 -33.19 -1.42 30.33
CA ASP B 285 -33.19 -1.42 30.34
C ASP B 285 -33.02 -0.26 29.35
N ALA B 286 -32.26 0.78 29.72
CA ALA B 286 -32.06 1.95 28.82
C ALA B 286 -31.06 1.64 27.69
N TYR B 287 -30.31 0.55 27.84
CA TYR B 287 -29.21 0.18 26.94
C TYR B 287 -29.60 -0.99 26.04
N ILE B 288 -29.42 -0.81 24.73
CA ILE B 288 -29.74 -1.82 23.73
C ILE B 288 -28.47 -2.20 22.94
N GLY B 289 -28.18 -3.52 22.84
CA GLY B 289 -27.07 -4.02 22.05
C GLY B 289 -27.52 -4.24 20.61
N THR B 290 -26.59 -4.01 19.65
CA THR B 290 -26.84 -4.23 18.21
C THR B 290 -26.08 -5.45 17.72
N ASP B 291 -26.81 -6.43 17.16
CA ASP B 291 -26.19 -7.62 16.57
C ASP B 291 -25.62 -7.30 15.17
N PRO B 292 -24.27 -7.24 15.09
CA PRO B 292 -23.62 -6.77 13.88
C PRO B 292 -23.70 -7.73 12.70
N SER B 293 -24.09 -8.99 12.98
CA SER B 293 -24.34 -10.01 11.96
C SER B 293 -25.73 -9.92 11.29
N LEU B 294 -26.58 -9.02 11.79
CA LEU B 294 -27.86 -8.76 11.13
C LEU B 294 -27.69 -8.16 9.73
N PRO B 295 -28.64 -8.44 8.81
CA PRO B 295 -28.60 -7.72 7.53
C PRO B 295 -28.50 -6.21 7.73
N PHE B 296 -27.72 -5.54 6.88
CA PHE B 296 -27.50 -4.11 7.03
C PHE B 296 -28.79 -3.30 6.94
N GLU B 297 -29.74 -3.70 6.06
CA GLU B 297 -31.02 -3.00 6.02
CA GLU B 297 -31.10 -3.16 6.02
C GLU B 297 -31.66 -2.98 7.44
N GLN B 298 -31.60 -4.06 8.19
CA GLN B 298 -32.10 -4.04 9.58
C GLN B 298 -31.27 -3.11 10.48
N ILE B 299 -29.94 -3.22 10.44
CA ILE B 299 -29.08 -2.28 11.19
C ILE B 299 -29.46 -0.82 10.91
N GLU B 300 -29.70 -0.49 9.63
CA GLU B 300 -30.06 0.88 9.23
C GLU B 300 -31.34 1.37 9.91
N LYS B 301 -32.33 0.47 10.01
CA LYS B 301 -33.63 0.79 10.61
C LYS B 301 -33.52 1.05 12.08
N ALA B 302 -32.79 0.20 12.79
CA ALA B 302 -32.52 0.40 14.21
C ALA B 302 -31.78 1.72 14.45
N TYR B 303 -30.87 2.08 13.53
CA TYR B 303 -30.11 3.33 13.72
C TYR B 303 -31.01 4.54 13.57
N ALA B 304 -31.85 4.51 12.52
CA ALA B 304 -32.78 5.59 12.23
C ALA B 304 -33.79 5.78 13.37
N THR B 305 -34.33 4.68 13.86
CA THR B 305 -35.33 4.72 14.94
C THR B 305 -34.65 4.77 16.33
N GLU B 306 -33.33 4.89 16.36
CA GLU B 306 -32.56 5.09 17.60
C GLU B 306 -32.73 3.98 18.63
N GLN B 307 -33.02 2.77 18.16
CA GLN B 307 -33.04 1.58 18.99
C GLN B 307 -31.64 0.92 19.06
N TYR B 308 -30.68 1.69 19.56
CA TYR B 308 -29.31 1.26 19.71
C TYR B 308 -28.67 2.14 20.77
N SER B 309 -27.59 1.67 21.39
CA SER B 309 -26.78 2.50 22.29
C SER B 309 -25.46 2.92 21.65
N GLY B 310 -25.22 4.22 21.56
CA GLY B 310 -23.96 4.80 21.11
C GLY B 310 -22.85 4.81 22.18
N PHE B 311 -21.73 5.45 21.87
CA PHE B 311 -20.62 5.65 22.79
C PHE B 311 -21.00 6.50 24.01
N ASN B 312 -20.50 6.10 25.18
CA ASN B 312 -20.43 6.96 26.33
C ASN B 312 -19.78 8.27 25.93
N ALA B 313 -20.19 9.32 26.62
CA ALA B 313 -19.70 10.66 26.35
C ALA B 313 -18.21 10.76 26.61
N ARG B 314 -17.61 9.86 27.41
CA ARG B 314 -16.17 10.00 27.70
C ARG B 314 -15.34 9.80 26.46
N TYR B 315 -15.87 9.04 25.48
CA TYR B 315 -15.12 8.82 24.23
C TYR B 315 -15.24 9.97 23.23
N THR B 316 -16.34 10.72 23.27
CA THR B 316 -16.70 11.73 22.26
C THR B 316 -16.67 13.20 22.71
N ASP B 317 -16.97 13.44 23.97
CA ASP B 317 -17.11 14.81 24.47
C ASP B 317 -16.06 15.22 25.50
N TYR B 318 -15.30 14.25 26.02
CA TYR B 318 -14.28 14.50 27.02
C TYR B 318 -12.92 14.50 26.33
N PRO B 319 -12.24 15.66 26.34
CA PRO B 319 -11.04 15.79 25.48
C PRO B 319 -9.96 14.75 25.73
N SER B 320 -9.73 14.33 26.97
CA SER B 320 -8.63 13.37 27.19
C SER B 320 -9.08 11.91 26.98
N GLY B 321 -10.37 11.71 26.74
CA GLY B 321 -10.94 10.37 26.50
C GLY B 321 -10.43 9.37 27.53
N GLU B 322 -9.78 8.31 27.03
CA GLU B 322 -9.01 7.39 27.84
C GLU B 322 -7.71 7.14 27.12
N PRO B 323 -6.68 6.69 27.84
CA PRO B 323 -5.47 6.34 27.13
C PRO B 323 -5.66 5.11 26.25
N VAL B 324 -4.94 5.08 25.13
CA VAL B 324 -4.96 3.94 24.20
C VAL B 324 -3.71 3.13 24.50
N VAL B 325 -3.95 1.92 24.98
CA VAL B 325 -2.88 1.10 25.54
C VAL B 325 -2.41 0.11 24.47
N ARG B 326 -1.09 -0.08 24.39
CA ARG B 326 -0.50 -1.13 23.55
C ARG B 326 -0.04 -2.32 24.38
N LEU B 327 0.64 -1.99 25.47
CA LEU B 327 1.00 -2.97 26.49
C LEU B 327 0.61 -2.51 27.86
N GLY B 328 -0.17 -3.34 28.56
CA GLY B 328 -0.66 -2.94 29.86
C GLY B 328 -0.63 -3.97 30.97
N TYR B 329 -0.83 -3.46 32.17
CA TYR B 329 -0.88 -4.25 33.37
C TYR B 329 -2.08 -5.17 33.40
N ALA B 330 -3.27 -4.67 33.12
CA ALA B 330 -4.46 -5.54 33.02
C ALA B 330 -4.26 -6.66 31.98
N GLU B 331 -3.80 -6.26 30.81
CA GLU B 331 -3.49 -7.23 29.73
C GLU B 331 -2.49 -8.27 30.16
N GLN B 332 -1.38 -7.82 30.77
CA GLN B 332 -0.34 -8.76 31.25
C GLN B 332 -0.95 -9.81 32.17
N ASN B 333 -1.88 -9.40 33.03
CA ASN B 333 -2.48 -10.35 33.99
C ASN B 333 -3.51 -11.28 33.36
N PHE B 334 -4.13 -10.86 32.25
CA PHE B 334 -4.95 -11.78 31.46
C PHE B 334 -4.06 -12.80 30.78
N ILE B 335 -2.89 -12.36 30.32
CA ILE B 335 -1.93 -13.28 29.69
C ILE B 335 -1.42 -14.31 30.71
N LEU B 336 -1.02 -13.83 31.90
CA LEU B 336 -0.56 -14.69 32.96
C LEU B 336 -1.69 -15.69 33.36
N ALA B 337 -2.92 -15.22 33.46
CA ALA B 337 -4.04 -16.10 33.83
C ALA B 337 -4.11 -17.26 32.86
N GLU B 338 -4.08 -16.95 31.57
CA GLU B 338 -4.20 -17.98 30.55
C GLU B 338 -2.99 -18.95 30.66
N ALA B 339 -1.79 -18.40 30.78
CA ALA B 339 -0.59 -19.22 30.99
C ALA B 339 -0.75 -20.20 32.14
N ALA B 340 -1.31 -19.72 33.26
CA ALA B 340 -1.55 -20.57 34.45
C ALA B 340 -2.54 -21.69 34.10
N VAL B 341 -3.67 -21.36 33.50
CA VAL B 341 -4.65 -22.36 33.10
C VAL B 341 -4.02 -23.40 32.19
N ARG B 342 -3.17 -22.95 31.27
CA ARG B 342 -2.47 -23.82 30.34
C ARG B 342 -1.32 -24.61 30.98
N GLY B 343 -0.94 -24.30 32.20
CA GLY B 343 0.13 -25.05 32.86
C GLY B 343 1.53 -24.58 32.55
N TRP B 344 1.68 -23.49 31.78
CA TRP B 344 3.01 -22.95 31.45
C TRP B 344 3.75 -22.41 32.66
N ILE B 345 2.98 -21.80 33.56
CA ILE B 345 3.49 -21.31 34.86
C ILE B 345 2.62 -21.89 36.01
N SER B 346 3.14 -21.79 37.23
CA SER B 346 2.57 -22.52 38.38
C SER B 346 1.61 -21.70 39.24
N GLY B 347 1.63 -20.38 39.11
CA GLY B 347 0.73 -19.50 39.89
C GLY B 347 -0.78 -19.76 39.80
N ASP B 348 -1.56 -19.11 40.66
CA ASP B 348 -3.00 -19.28 40.67
C ASP B 348 -3.64 -18.47 39.53
N ALA B 349 -4.35 -19.16 38.66
CA ALA B 349 -5.01 -18.55 37.53
C ALA B 349 -6.08 -17.54 37.98
N SER B 350 -6.86 -17.89 38.99
CA SER B 350 -7.90 -16.97 39.45
C SER B 350 -7.30 -15.65 39.98
N ALA B 351 -6.18 -15.72 40.71
CA ALA B 351 -5.56 -14.53 41.27
C ALA B 351 -5.13 -13.60 40.11
N TYR B 352 -4.55 -14.16 39.04
CA TYR B 352 -4.13 -13.35 37.89
C TYR B 352 -5.36 -12.68 37.19
N TYR B 353 -6.38 -13.49 36.94
CA TYR B 353 -7.64 -13.11 36.33
C TYR B 353 -8.31 -11.97 37.06
N LYS B 354 -8.37 -12.09 38.40
CA LYS B 354 -9.00 -11.04 39.21
C LYS B 354 -8.11 -9.79 39.28
N LYS B 355 -6.79 -9.95 39.34
CA LYS B 355 -5.87 -8.82 39.24
CA LYS B 355 -5.87 -8.81 39.22
C LYS B 355 -6.10 -8.05 37.93
N ALA B 356 -6.28 -8.79 36.82
CA ALA B 356 -6.52 -8.19 35.51
C ALA B 356 -7.84 -7.43 35.48
N ILE B 357 -8.90 -8.01 36.04
CA ILE B 357 -10.24 -7.38 35.90
C ILE B 357 -10.23 -6.10 36.80
N ARG B 358 -9.68 -6.24 37.98
CA ARG B 358 -9.52 -5.10 38.90
C ARG B 358 -8.76 -3.99 38.24
N ALA B 359 -7.61 -4.33 37.64
CA ALA B 359 -6.76 -3.31 37.00
C ALA B 359 -7.49 -2.57 35.89
N HIS B 360 -8.33 -3.26 35.11
CA HIS B 360 -9.11 -2.59 34.08
C HIS B 360 -10.17 -1.62 34.67
N GLU B 362 -10.06 -0.26 37.57
CA GLU B 362 -9.29 0.82 38.16
C GLU B 362 -8.75 1.79 37.09
N PHE B 363 -8.39 1.25 35.92
CA PHE B 363 -8.02 2.07 34.75
C PHE B 363 -9.12 3.05 34.34
N ILE B 364 -10.36 2.55 34.22
CA ILE B 364 -11.47 3.38 33.77
C ILE B 364 -11.69 4.48 34.82
N ALA B 365 -11.72 4.10 36.10
CA ALA B 365 -12.00 5.05 37.18
C ALA B 365 -10.92 6.13 37.30
N SER B 366 -9.66 5.75 37.08
CA SER B 366 -8.57 6.73 37.19
C SER B 366 -8.58 7.70 36.03
N ASN B 367 -9.27 7.36 34.93
CA ASN B 367 -9.22 8.17 33.73
C ASN B 367 -10.59 8.76 33.31
N THR B 368 -11.56 8.67 34.21
CA THR B 368 -12.90 9.17 33.97
C THR B 368 -13.35 9.98 35.19
N PRO B 369 -13.78 11.25 34.97
CA PRO B 369 -14.38 12.06 36.04
C PRO B 369 -15.58 11.36 36.71
N ASP B 370 -15.83 11.71 37.97
CA ASP B 370 -16.93 11.15 38.74
C ASP B 370 -18.17 12.01 38.48
N GLU B 371 -18.83 11.78 37.35
CA GLU B 371 -19.98 12.57 36.97
C GLU B 371 -20.99 11.69 36.30
N GLU B 372 -22.26 12.08 36.41
CA GLU B 372 -23.36 11.24 35.95
C GLU B 372 -23.29 10.99 34.46
N VAL B 373 -22.88 12.01 33.71
CA VAL B 373 -22.76 11.93 32.25
C VAL B 373 -21.89 10.75 31.82
N TYR B 374 -20.89 10.39 32.65
CA TYR B 374 -20.00 9.28 32.34
C TYR B 374 -20.39 7.95 33.00
N HIS B 375 -20.86 7.97 34.25
CA HIS B 375 -21.18 6.72 34.96
C HIS B 375 -22.67 6.40 35.04
N HIS B 376 -23.50 7.33 34.63
CA HIS B 376 -24.97 7.14 34.59
C HIS B 376 -25.52 6.56 35.91
N GLY B 377 -24.91 7.00 37.01
CA GLY B 377 -25.32 6.59 38.33
C GLY B 377 -24.71 5.31 38.85
N HIS B 378 -23.80 4.69 38.10
CA HIS B 378 -23.09 3.49 38.58
C HIS B 378 -21.59 3.66 38.65
N PRO B 379 -21.11 4.54 39.52
CA PRO B 379 -19.70 4.82 39.55
C PRO B 379 -18.87 3.60 39.93
N ILE B 380 -17.68 3.48 39.32
CA ILE B 380 -16.70 2.47 39.72
C ILE B 380 -15.99 2.87 41.02
N THR B 381 -16.35 2.18 42.10
CA THR B 381 -15.81 2.39 43.44
C THR B 381 -15.13 1.11 43.87
N GLU B 382 -14.36 1.19 44.96
CA GLU B 382 -13.69 -0.01 45.49
C GLU B 382 -14.73 -1.11 45.78
N GLU B 383 -15.86 -0.71 46.38
CA GLU B 383 -16.98 -1.62 46.71
C GLU B 383 -17.51 -2.36 45.46
N ALA B 384 -17.67 -1.62 44.35
CA ALA B 384 -18.21 -2.19 43.13
C ALA B 384 -17.23 -3.19 42.49
N ILE B 385 -15.93 -2.90 42.62
CA ILE B 385 -14.88 -3.76 42.12
C ILE B 385 -14.87 -5.07 42.91
N ALA B 386 -14.77 -4.97 44.23
CA ALA B 386 -14.70 -6.15 45.12
C ALA B 386 -15.95 -7.04 44.94
N ALA B 387 -17.11 -6.42 44.78
CA ALA B 387 -18.35 -7.11 44.55
C ALA B 387 -18.28 -7.85 43.22
N PHE B 388 -17.92 -7.15 42.15
CA PHE B 388 -17.89 -7.77 40.82
C PHE B 388 -16.94 -8.98 40.74
N LEU B 389 -15.74 -8.81 41.27
CA LEU B 389 -14.71 -9.87 41.30
C LEU B 389 -15.19 -11.22 41.83
N GLU B 390 -16.18 -11.20 42.73
CA GLU B 390 -16.75 -12.42 43.31
C GLU B 390 -18.11 -12.84 42.76
N THR B 391 -18.52 -12.25 41.63
CA THR B 391 -19.73 -12.69 40.91
C THR B 391 -19.59 -14.18 40.57
N PRO B 392 -20.57 -15.03 40.99
CA PRO B 392 -20.43 -16.47 40.69
C PRO B 392 -20.27 -16.79 39.19
N ALA B 393 -21.04 -16.14 38.31
CA ALA B 393 -20.99 -16.38 36.85
C ALA B 393 -19.61 -16.25 36.20
N ILE B 394 -18.76 -15.33 36.64
CA ILE B 394 -17.43 -15.17 36.05
C ILE B 394 -16.33 -16.02 36.69
N GLN B 395 -16.63 -16.81 37.73
CA GLN B 395 -15.59 -17.55 38.42
C GLN B 395 -15.01 -18.66 37.53
N LEU B 396 -13.69 -18.84 37.63
CA LEU B 396 -13.01 -19.92 36.95
C LEU B 396 -13.37 -21.19 37.67
N SER B 397 -13.44 -22.30 36.94
CA SER B 397 -13.96 -23.54 37.45
C SER B 397 -12.93 -24.65 37.56
N GLY B 398 -11.72 -24.45 37.04
CA GLY B 398 -10.71 -25.51 36.99
C GLY B 398 -10.78 -26.37 35.74
N GLU B 399 -11.81 -26.18 34.92
CA GLU B 399 -11.91 -26.87 33.63
CA GLU B 399 -11.91 -26.87 33.64
C GLU B 399 -11.21 -26.01 32.58
N LYS B 400 -10.32 -26.62 31.81
CA LYS B 400 -9.40 -25.87 30.94
C LYS B 400 -10.07 -24.96 29.89
N GLU B 401 -10.82 -25.55 28.97
CA GLU B 401 -11.44 -24.77 27.89
C GLU B 401 -12.38 -23.71 28.41
N GLU B 402 -13.18 -24.04 29.41
CA GLU B 402 -14.16 -23.13 29.98
C GLU B 402 -13.46 -21.93 30.61
N ASP B 403 -12.34 -22.19 31.26
CA ASP B 403 -11.55 -21.13 31.87
C ASP B 403 -10.83 -20.23 30.82
N ILE B 404 -10.28 -20.83 29.78
CA ILE B 404 -9.67 -20.05 28.70
C ILE B 404 -10.75 -19.15 28.14
N GLU B 405 -11.92 -19.71 27.89
CA GLU B 405 -13.04 -18.92 27.36
C GLU B 405 -13.37 -17.73 28.26
N LYS B 406 -13.42 -17.94 29.57
CA LYS B 406 -13.71 -16.84 30.50
C LYS B 406 -12.59 -15.77 30.49
N ILE B 407 -11.35 -16.24 30.49
CA ILE B 407 -10.20 -15.32 30.47
C ILE B 407 -10.25 -14.48 29.17
N LEU B 408 -10.45 -15.17 28.04
CA LEU B 408 -10.53 -14.50 26.74
C LEU B 408 -11.70 -13.50 26.64
N THR B 409 -12.81 -13.84 27.27
CA THR B 409 -14.01 -13.01 27.20
C THR B 409 -13.83 -11.78 28.04
N GLN B 410 -13.27 -11.96 29.23
CA GLN B 410 -12.98 -10.82 30.09
C GLN B 410 -11.98 -9.90 29.43
N ARG B 411 -10.96 -10.51 28.81
CA ARG B 411 -9.97 -9.78 28.02
C ARG B 411 -10.59 -8.97 26.88
N TYR B 412 -11.51 -9.62 26.15
CA TYR B 412 -12.24 -9.03 25.04
C TYR B 412 -12.98 -7.81 25.52
N LEU B 413 -13.72 -7.92 26.61
CA LEU B 413 -14.48 -6.79 27.13
C LEU B 413 -13.53 -5.67 27.59
N ALA B 414 -12.44 -6.01 28.29
CA ALA B 414 -11.51 -5.00 28.84
C ALA B 414 -10.68 -4.28 27.76
N SER B 415 -10.71 -4.81 26.53
CA SER B 415 -9.89 -4.33 25.40
CA SER B 415 -9.89 -4.33 25.41
C SER B 415 -10.71 -3.60 24.36
N PHE B 416 -11.96 -3.31 24.67
CA PHE B 416 -12.75 -2.44 23.80
C PHE B 416 -12.10 -1.07 23.60
N GLN B 418 -9.14 -0.60 22.60
CA GLN B 418 -7.75 -0.76 23.09
C GLN B 418 -6.99 -1.77 22.22
N HIS B 419 -5.66 -1.71 22.27
CA HIS B 419 -4.80 -2.76 21.68
C HIS B 419 -5.17 -3.10 20.25
N PRO B 420 -4.92 -2.18 19.29
CA PRO B 420 -5.49 -2.33 17.93
C PRO B 420 -5.32 -3.73 17.27
N TYR B 421 -6.44 -4.37 16.89
CA TYR B 421 -6.47 -5.69 16.22
C TYR B 421 -6.16 -6.92 17.11
N ASP B 422 -5.67 -6.69 18.35
CA ASP B 422 -5.27 -7.77 19.25
C ASP B 422 -6.43 -8.70 19.63
N VAL B 423 -7.62 -8.13 19.83
CA VAL B 423 -8.79 -8.92 20.15
C VAL B 423 -9.11 -9.91 19.01
N TYR B 424 -9.04 -9.39 17.77
CA TYR B 424 -9.15 -10.26 16.58
C TYR B 424 -8.05 -11.35 16.60
N TYR B 425 -6.81 -11.00 16.95
CA TYR B 425 -5.74 -12.00 16.95
C TYR B 425 -5.95 -13.08 18.00
N ASP B 426 -6.37 -12.68 19.20
CA ASP B 426 -6.70 -13.69 20.25
C ASP B 426 -7.86 -14.57 19.85
N TYR B 427 -8.83 -14.02 19.13
CA TYR B 427 -9.94 -14.80 18.61
C TYR B 427 -9.45 -15.83 17.56
N ARG B 428 -8.61 -15.40 16.65
CA ARG B 428 -8.10 -16.37 15.66
C ARG B 428 -7.45 -17.55 16.39
N ARG B 429 -6.65 -17.21 17.40
CA ARG B 429 -5.82 -18.13 18.18
C ARG B 429 -6.64 -19.13 18.98
N THR B 430 -7.68 -18.66 19.66
CA THR B 430 -8.45 -19.47 20.58
C THR B 430 -9.91 -19.76 20.20
N GLY B 431 -10.46 -19.03 19.24
CA GLY B 431 -11.86 -19.15 18.93
C GLY B 431 -12.79 -18.50 19.95
N TYR B 432 -12.23 -17.72 20.89
CA TYR B 432 -12.98 -17.11 21.99
C TYR B 432 -12.84 -15.57 21.99
N PRO B 433 -13.91 -14.84 22.37
CA PRO B 433 -15.27 -15.34 22.53
C PRO B 433 -15.87 -15.75 21.18
N VAL B 434 -16.92 -16.57 21.20
CA VAL B 434 -17.65 -16.94 20.01
C VAL B 434 -18.35 -15.70 19.45
N LEU B 435 -18.09 -15.39 18.18
CA LEU B 435 -18.58 -14.15 17.57
C LEU B 435 -19.82 -14.40 16.73
N PRO B 436 -20.66 -13.37 16.56
CA PRO B 436 -21.89 -13.49 15.77
C PRO B 436 -21.61 -13.53 14.26
N ILE B 437 -21.91 -14.68 13.66
CA ILE B 437 -21.62 -14.95 12.26
C ILE B 437 -22.91 -15.49 11.66
N ASN B 438 -23.41 -14.83 10.63
CA ASN B 438 -24.64 -15.22 9.98
C ASN B 438 -24.31 -15.57 8.54
N PRO B 439 -24.36 -16.85 8.18
CA PRO B 439 -23.96 -17.24 6.79
C PRO B 439 -24.74 -16.56 5.65
N ALA B 440 -25.96 -16.08 5.91
CA ALA B 440 -26.69 -15.29 4.91
C ALA B 440 -26.21 -13.84 4.76
N THR B 441 -25.49 -13.27 5.73
CA THR B 441 -24.98 -11.88 5.57
C THR B 441 -23.44 -11.74 5.49
N ASN B 442 -22.73 -12.77 5.94
CA ASN B 442 -21.27 -12.77 5.94
C ASN B 442 -20.75 -12.55 4.52
N ARG B 443 -19.88 -11.57 4.34
CA ARG B 443 -19.37 -11.26 3.00
C ARG B 443 -17.96 -11.80 2.80
N ASN B 444 -17.39 -12.43 3.80
CA ASN B 444 -16.25 -13.28 3.54
C ASN B 444 -16.65 -14.36 2.47
N THR B 445 -15.66 -14.81 1.70
CA THR B 445 -15.90 -15.82 0.66
C THR B 445 -16.23 -17.20 1.28
N ASN B 447 -18.59 -18.52 4.13
CA ASN B 447 -19.71 -17.88 4.84
C ASN B 447 -19.84 -18.20 6.34
N ASP B 448 -19.13 -19.23 6.79
CA ASP B 448 -19.18 -19.70 8.18
C ASP B 448 -18.12 -19.07 9.06
N ARG B 449 -17.27 -18.21 8.52
CA ARG B 449 -16.07 -17.81 9.24
C ARG B 449 -15.53 -16.44 8.91
N LEU B 450 -14.77 -15.86 9.84
CA LEU B 450 -14.00 -14.66 9.53
C LEU B 450 -12.73 -15.07 8.73
N PRO B 451 -12.23 -14.18 7.88
CA PRO B 451 -10.94 -14.41 7.28
C PRO B 451 -9.82 -14.47 8.32
N ARG B 453 -6.28 -14.11 7.51
CA ARG B 453 -5.07 -13.30 7.18
C ARG B 453 -5.39 -12.31 6.10
N TRP B 454 -4.59 -11.25 6.05
CA TRP B 454 -4.64 -10.35 4.91
C TRP B 454 -3.69 -10.85 3.81
N TYR B 456 -0.81 -10.08 0.81
CA TYR B 456 0.39 -9.28 0.71
C TYR B 456 0.13 -8.05 -0.14
N PRO B 457 0.92 -6.99 0.09
CA PRO B 457 0.80 -5.79 -0.76
C PRO B 457 1.11 -6.07 -2.24
N LYS B 458 0.43 -5.37 -3.14
CA LYS B 458 0.66 -5.58 -4.57
C LYS B 458 2.13 -5.33 -4.94
N SER B 459 2.76 -4.37 -4.27
CA SER B 459 4.17 -4.05 -4.50
C SER B 459 5.14 -5.24 -4.38
N GLU B 460 4.79 -6.26 -3.60
CA GLU B 460 5.61 -7.47 -3.57
C GLU B 460 5.59 -8.28 -4.89
N SER B 461 4.45 -8.32 -5.59
CA SER B 461 4.41 -8.95 -6.91
CA SER B 461 4.38 -8.92 -6.92
C SER B 461 5.04 -8.02 -7.97
N ASP B 462 5.02 -6.70 -7.73
CA ASP B 462 5.67 -5.76 -8.65
C ASP B 462 7.21 -5.85 -8.56
N TYR B 463 7.77 -5.93 -7.36
CA TYR B 463 9.21 -5.79 -7.19
C TYR B 463 9.93 -7.00 -6.59
N ASN B 464 9.20 -8.00 -6.10
CA ASN B 464 9.86 -9.13 -5.44
C ASN B 464 9.09 -10.39 -5.74
N LEU B 465 8.68 -10.55 -6.99
CA LEU B 465 7.72 -11.60 -7.34
C LEU B 465 8.26 -13.03 -7.06
N GLU B 466 9.50 -13.29 -7.42
CA GLU B 466 10.01 -14.66 -7.31
C GLU B 466 9.95 -15.16 -5.82
N HIS B 467 10.42 -14.32 -4.92
CA HIS B 467 10.43 -14.63 -3.49
C HIS B 467 9.03 -14.66 -2.91
N GLN B 468 8.20 -13.70 -3.25
CA GLN B 468 6.81 -13.74 -2.81
C GLN B 468 6.16 -15.05 -3.25
N ASN B 469 6.44 -15.48 -4.48
CA ASN B 469 5.81 -16.69 -4.99
C ASN B 469 6.32 -17.97 -4.32
N GLU B 470 7.62 -18.01 -3.98
CA GLU B 470 8.18 -19.11 -3.19
C GLU B 470 7.42 -19.15 -1.92
N ALA B 471 7.13 -17.97 -1.36
CA ALA B 471 6.48 -17.94 -0.05
C ALA B 471 5.03 -18.46 -0.15
N LEU B 472 4.32 -18.05 -1.20
CA LEU B 472 2.95 -18.46 -1.42
C LEU B 472 2.81 -19.96 -1.70
N GLU B 473 3.73 -20.52 -2.46
CA GLU B 473 3.71 -21.96 -2.73
C GLU B 473 3.91 -22.80 -1.42
N ARG B 474 4.94 -22.44 -0.67
CA ARG B 474 5.33 -23.08 0.59
C ARG B 474 4.21 -23.02 1.60
N GLN B 475 3.67 -21.83 1.83
CA GLN B 475 2.60 -21.63 2.80
C GLN B 475 1.24 -22.13 2.32
N PHE B 476 0.84 -21.78 1.09
CA PHE B 476 -0.58 -21.91 0.75
C PHE B 476 -0.89 -22.70 -0.53
N GLY B 477 0.11 -23.37 -1.12
CA GLY B 477 -0.05 -24.04 -2.41
C GLY B 477 -0.24 -23.03 -3.52
N GLY B 478 0.32 -21.83 -3.31
CA GLY B 478 0.51 -20.84 -4.35
C GLY B 478 -0.50 -19.73 -4.47
N VAL B 479 -1.63 -19.76 -3.76
CA VAL B 479 -2.60 -18.64 -3.87
CA VAL B 479 -2.67 -18.70 -3.82
C VAL B 479 -2.63 -17.74 -2.62
N ASP B 480 -2.60 -16.42 -2.84
CA ASP B 480 -2.60 -15.42 -1.76
C ASP B 480 -4.08 -15.28 -1.35
N ASP B 481 -4.43 -15.95 -0.26
CA ASP B 481 -5.82 -16.18 0.07
C ASP B 481 -6.09 -15.76 1.52
N VAL B 482 -7.15 -15.00 1.74
CA VAL B 482 -7.51 -14.57 3.10
C VAL B 482 -8.05 -15.66 4.05
N ASN B 483 -8.40 -16.85 3.54
CA ASN B 483 -8.91 -17.95 4.40
C ASN B 483 -7.91 -19.06 4.70
N LYS B 484 -6.71 -18.95 4.15
CA LYS B 484 -5.63 -19.85 4.48
C LYS B 484 -5.07 -19.56 5.83
N LEU B 485 -4.67 -20.62 6.53
CA LEU B 485 -4.06 -20.52 7.87
C LEU B 485 -2.56 -20.37 7.78
N TRP B 487 1.27 -20.38 9.46
CA TRP B 487 1.93 -21.39 10.26
C TRP B 487 1.56 -21.34 11.77
N ILE B 488 1.57 -20.13 12.37
CA ILE B 488 1.24 -20.02 13.80
C ILE B 488 -0.22 -20.42 14.14
N LEU B 489 -1.11 -20.41 13.15
CA LEU B 489 -2.47 -20.86 13.36
C LEU B 489 -2.72 -22.33 12.99
N GLN B 490 -1.73 -23.05 12.49
CA GLN B 490 -1.92 -24.46 12.13
C GLN B 490 -1.79 -25.35 13.35
#